data_6U3M
#
_entry.id   6U3M
#
_cell.length_a   94.935
_cell.length_b   96.276
_cell.length_c   105.740
_cell.angle_alpha   90.000
_cell.angle_beta   90.000
_cell.angle_gamma   90.000
#
_symmetry.space_group_name_H-M   'P 21 21 21'
#
loop_
_entity.id
_entity.type
_entity.pdbx_description
1 polymer 'HLA class II histocompatibility antigen, DQ alpha 1 chain'
2 polymer 'MHC class II HLA-DQ-beta-1'
3 polymer 'Alpha1a peptide'
4 branched 2-acetamido-2-deoxy-beta-D-glucopyranose-(1-4)-2-acetamido-2-deoxy-beta-D-glucopyranose
5 non-polymer GLYCEROL
6 non-polymer 'PHOSPHATE ION'
7 non-polymer 2-acetamido-2-deoxy-beta-D-glucopyranose
8 water water
#
loop_
_entity_poly.entity_id
_entity_poly.type
_entity_poly.pdbx_seq_one_letter_code
_entity_poly.pdbx_strand_id
1 'polypeptide(L)'
;EDIVADHVASYGVNLYQSYGPSGQYTHEFDGDEQFYVDLGRKETVWSLPVLRQFRFDPQFALTNIAVLKHNLNSLIKRSN
STAATNEVPEVTVFSKSPVTLGQPNILICLVDNIFPPVVNITWLSNGHSVTEGVSETSFLSKSDHSFFKISYLTLLPSAE
ESYDCKVEHWGLDKPLLKHWEPETSGDDDDK
;
C,A
2 'polypeptide(L)'
;GGSGASRDSPEDFVYQFKGMCYFTNGTERVRLVSRSIYNREEIVRFDSDVGEFRAVTLLGLPAAEYWNSQKDILERKRAA
VDRVCRHNYQLELRTTLQRRVEPTVTISPSRTEALNHHNLLVCSVTDFYPAQIKVRWFRNDQEETAGVVSTPLIRNGDWT
FQILVMLEMTPQRGDVYTCHVEHPSLQSPITVEWRAQSTGGDDDDK
;
D,B
3 'polypeptide(L)' AQPMPMPELPYPGSGGSIEGR E,F
#
# COMPACT_ATOMS: atom_id res chain seq x y z
N ILE A 3 24.58 19.01 37.83
CA ILE A 3 23.66 19.93 38.50
C ILE A 3 22.58 19.16 39.25
N VAL A 4 22.26 19.61 40.46
CA VAL A 4 21.23 18.99 41.29
C VAL A 4 19.95 19.78 41.13
N ALA A 5 18.83 19.08 40.91
CA ALA A 5 17.55 19.73 40.72
C ALA A 5 16.43 18.75 41.02
N ASP A 6 15.29 19.31 41.45
CA ASP A 6 14.10 18.47 41.62
C ASP A 6 13.61 17.94 40.28
N HIS A 7 13.68 18.77 39.22
CA HIS A 7 13.27 18.36 37.88
C HIS A 7 14.20 18.97 36.85
N VAL A 8 14.36 18.28 35.73
CA VAL A 8 15.20 18.78 34.64
C VAL A 8 14.45 18.55 33.34
N ALA A 9 14.48 19.54 32.45
CA ALA A 9 13.80 19.45 31.19
C ALA A 9 14.75 19.93 30.08
N SER A 10 14.51 19.45 28.88
CA SER A 10 15.20 19.94 27.68
C SER A 10 14.15 20.43 26.71
N TYR A 11 14.16 21.72 26.43
CA TYR A 11 13.19 22.38 25.56
C TYR A 11 13.92 23.07 24.41
N GLY A 12 14.54 22.33 23.48
CA GLY A 12 14.50 20.88 23.47
C GLY A 12 15.88 20.28 23.23
N VAL A 13 15.88 19.02 22.83
CA VAL A 13 17.09 18.31 22.41
C VAL A 13 17.12 18.41 20.89
N ASN A 14 18.18 19.04 20.37
CA ASN A 14 18.37 19.23 18.95
C ASN A 14 19.58 18.42 18.50
N LEU A 15 19.42 17.65 17.42
CA LEU A 15 20.50 16.82 16.94
C LEU A 15 20.61 16.96 15.43
N TYR A 16 21.82 17.13 14.92
CA TYR A 16 22.08 17.04 13.49
C TYR A 16 23.45 16.42 13.28
N GLN A 17 23.54 15.50 12.31
CA GLN A 17 24.80 14.81 12.04
C GLN A 17 25.00 14.61 10.55
N SER A 18 26.27 14.51 10.15
CA SER A 18 26.59 14.41 8.74
C SER A 18 26.19 13.05 8.16
N TYR A 19 26.23 11.99 8.96
CA TYR A 19 25.91 10.67 8.44
C TYR A 19 24.42 10.59 8.12
N GLY A 20 24.08 10.43 6.84
CA GLY A 20 22.71 10.43 6.42
C GLY A 20 22.47 11.42 5.30
N PRO A 21 22.36 12.71 5.63
CA PRO A 21 22.43 13.25 7.00
C PRO A 21 21.11 13.03 7.72
N SER A 22 21.07 13.31 9.01
CA SER A 22 19.83 13.12 9.73
C SER A 22 19.78 14.10 10.89
N GLY A 23 18.56 14.36 11.36
CA GLY A 23 18.36 15.23 12.49
C GLY A 23 17.30 14.67 13.41
N GLN A 24 17.15 15.32 14.56
CA GLN A 24 16.11 14.93 15.50
C GLN A 24 15.79 16.14 16.36
N TYR A 25 14.49 16.36 16.59
CA TYR A 25 14.00 17.41 17.50
C TYR A 25 13.02 16.80 18.47
N THR A 26 13.29 16.94 19.77
CA THR A 26 12.42 16.42 20.82
C THR A 26 12.44 17.39 22.00
N HIS A 27 11.43 17.29 22.85
CA HIS A 27 11.47 17.87 24.19
C HIS A 27 11.46 16.72 25.20
N GLU A 28 12.20 16.88 26.28
CA GLU A 28 12.27 15.89 27.34
C GLU A 28 11.89 16.54 28.68
N PHE A 29 11.22 15.78 29.55
CA PHE A 29 10.95 16.23 30.90
C PHE A 29 11.25 15.08 31.87
N ASP A 30 12.15 15.33 32.84
CA ASP A 30 12.62 14.33 33.80
C ASP A 30 13.03 13.03 33.11
N GLY A 31 13.73 13.15 31.98
CA GLY A 31 14.31 12.01 31.31
C GLY A 31 13.41 11.26 30.36
N ASP A 32 12.17 11.70 30.14
CA ASP A 32 11.26 11.04 29.22
C ASP A 32 10.89 11.98 28.07
N GLU A 33 10.57 11.37 26.93
CA GLU A 33 10.30 12.10 25.69
C GLU A 33 8.88 12.64 25.68
N GLN A 34 8.73 13.97 25.65
CA GLN A 34 7.39 14.56 25.58
C GLN A 34 6.81 14.50 24.18
N PHE A 35 7.63 14.78 23.17
CA PHE A 35 7.20 14.73 21.77
C PHE A 35 8.45 14.73 20.91
N TYR A 36 8.26 14.39 19.64
CA TYR A 36 9.25 14.64 18.60
C TYR A 36 8.55 15.31 17.44
N VAL A 37 9.33 16.01 16.62
CA VAL A 37 8.82 16.57 15.37
C VAL A 37 9.33 15.66 14.25
N ASP A 38 8.40 15.10 13.50
CA ASP A 38 8.74 14.37 12.29
C ASP A 38 9.23 15.38 11.26
N LEU A 39 10.54 15.45 11.08
CA LEU A 39 11.13 16.46 10.22
C LEU A 39 10.72 16.28 8.76
N GLY A 40 10.53 15.03 8.32
CA GLY A 40 10.13 14.80 6.93
C GLY A 40 8.68 15.17 6.66
N ARG A 41 7.77 14.75 7.53
CA ARG A 41 6.36 15.06 7.37
C ARG A 41 5.99 16.43 7.91
N LYS A 42 6.87 17.06 8.68
CA LYS A 42 6.62 18.36 9.31
C LYS A 42 5.37 18.30 10.19
N GLU A 43 5.44 17.48 11.23
CA GLU A 43 4.31 17.38 12.14
C GLU A 43 4.79 16.99 13.53
N THR A 44 4.12 17.53 14.53
CA THR A 44 4.44 17.24 15.91
C THR A 44 3.75 15.95 16.34
N VAL A 45 4.50 15.04 16.94
CA VAL A 45 3.95 13.75 17.35
C VAL A 45 4.13 13.64 18.86
N TRP A 46 3.04 13.80 19.60
CA TRP A 46 3.10 13.75 21.06
C TRP A 46 3.26 12.33 21.59
N SER A 47 4.13 12.17 22.57
CA SER A 47 4.43 10.86 23.15
C SER A 47 3.56 10.52 24.34
N LEU A 48 2.86 11.49 24.88
CA LEU A 48 2.01 11.32 26.05
C LEU A 48 0.62 11.83 25.71
N PRO A 49 -0.42 11.00 25.80
CA PRO A 49 -1.76 11.46 25.40
C PRO A 49 -2.22 12.74 26.11
N VAL A 50 -1.81 12.98 27.35
CA VAL A 50 -2.24 14.19 28.05
C VAL A 50 -1.63 15.45 27.42
N LEU A 51 -0.59 15.30 26.62
CA LEU A 51 0.04 16.44 25.99
C LEU A 51 -0.56 16.80 24.64
N ARG A 52 -1.48 15.98 24.10
CA ARG A 52 -2.06 16.28 22.79
C ARG A 52 -2.90 17.55 22.82
N GLN A 53 -3.27 18.03 24.00
CA GLN A 53 -3.99 19.29 24.12
C GLN A 53 -3.15 20.48 23.67
N PHE A 54 -1.83 20.34 23.62
CA PHE A 54 -0.95 21.43 23.28
C PHE A 54 -0.67 21.47 21.78
N ARG A 55 -0.16 22.62 21.33
CA ARG A 55 0.25 22.80 19.96
C ARG A 55 1.70 23.25 19.94
N PHE A 56 2.48 22.65 19.04
CA PHE A 56 3.87 23.04 18.83
C PHE A 56 4.12 23.13 17.33
N ASP A 57 4.51 24.31 16.87
CA ASP A 57 4.75 24.54 15.46
C ASP A 57 5.95 23.73 14.98
N PRO A 58 5.76 22.74 14.10
CA PRO A 58 6.90 21.94 13.64
C PRO A 58 7.95 22.75 12.91
N GLN A 59 7.56 23.91 12.35
CA GLN A 59 8.55 24.71 11.63
C GLN A 59 9.63 25.22 12.56
N PHE A 60 9.31 25.45 13.85
CA PHE A 60 10.36 25.81 14.79
C PHE A 60 11.47 24.79 14.78
N ALA A 61 11.12 23.50 14.75
CA ALA A 61 12.12 22.45 14.73
C ALA A 61 12.92 22.48 13.43
N LEU A 62 12.25 22.61 12.29
CA LEU A 62 12.95 22.59 11.02
C LEU A 62 13.93 23.75 10.91
N THR A 63 13.53 24.94 11.38
CA THR A 63 14.43 26.09 11.33
C THR A 63 15.62 25.89 12.27
N ASN A 64 15.37 25.34 13.47
CA ASN A 64 16.45 25.11 14.41
C ASN A 64 17.44 24.12 13.85
N ILE A 65 16.96 23.00 13.29
CA ILE A 65 17.88 22.01 12.72
C ILE A 65 18.71 22.63 11.58
N ALA A 66 18.14 23.56 10.82
CA ALA A 66 18.94 24.23 9.79
C ALA A 66 20.06 25.07 10.41
N VAL A 67 19.82 25.67 11.57
CA VAL A 67 20.89 26.40 12.26
C VAL A 67 21.96 25.42 12.73
N LEU A 68 21.55 24.25 13.25
CA LEU A 68 22.52 23.22 13.63
C LEU A 68 23.33 22.76 12.43
N LYS A 69 22.68 22.56 11.29
CA LYS A 69 23.37 22.12 10.08
C LYS A 69 24.42 23.13 9.65
N HIS A 70 24.08 24.43 9.69
CA HIS A 70 25.04 25.48 9.35
C HIS A 70 26.21 25.51 10.33
N ASN A 71 25.91 25.47 11.63
CA ASN A 71 26.94 25.51 12.65
C ASN A 71 27.88 24.30 12.55
N LEU A 72 27.32 23.13 12.26
CA LEU A 72 28.15 21.93 12.14
C LEU A 72 29.18 22.10 11.04
N ASN A 73 28.72 22.52 9.86
CA ASN A 73 29.63 22.73 8.74
C ASN A 73 30.76 23.68 9.12
N SER A 74 30.46 24.69 9.92
CA SER A 74 31.50 25.59 10.37
C SER A 74 32.50 24.88 11.27
N LEU A 75 32.00 24.05 12.20
CA LEU A 75 32.87 23.38 13.17
C LEU A 75 33.65 22.22 12.56
N ILE A 76 33.12 21.60 11.50
CA ILE A 76 33.90 20.59 10.78
C ILE A 76 35.18 21.21 10.23
N LYS A 77 35.07 22.41 9.65
CA LYS A 77 36.28 23.07 9.16
C LYS A 77 37.19 23.48 10.30
N ARG A 78 36.65 24.18 11.30
CA ARG A 78 37.53 24.72 12.34
C ARG A 78 38.20 23.63 13.17
N SER A 79 37.54 22.49 13.36
CA SER A 79 38.15 21.40 14.10
C SER A 79 39.12 20.59 13.25
N ASN A 80 39.35 20.99 12.00
CA ASN A 80 40.18 20.23 11.07
C ASN A 80 39.61 18.83 10.87
N SER A 81 38.28 18.76 10.74
CA SER A 81 37.57 17.50 10.46
C SER A 81 37.78 16.47 11.57
N THR A 82 37.61 16.90 12.81
CA THR A 82 37.67 16.00 13.94
C THR A 82 36.36 15.23 14.01
N ALA A 83 36.42 13.93 13.73
CA ALA A 83 35.19 13.15 13.68
C ALA A 83 34.79 12.65 15.06
N ALA A 84 33.55 12.19 15.15
CA ALA A 84 33.06 11.55 16.35
C ALA A 84 33.82 10.26 16.62
N THR A 85 33.98 9.94 17.90
CA THR A 85 34.58 8.69 18.33
C THR A 85 33.47 7.69 18.64
N ASN A 86 33.58 6.49 18.07
CA ASN A 86 32.59 5.45 18.34
C ASN A 86 32.77 4.89 19.74
N GLU A 87 31.70 4.85 20.52
CA GLU A 87 31.73 4.22 21.84
C GLU A 87 31.09 2.84 21.77
N VAL A 88 31.34 2.04 22.80
CA VAL A 88 30.77 0.69 22.91
C VAL A 88 29.42 0.84 23.61
N PRO A 89 28.31 0.55 22.92
CA PRO A 89 27.00 0.62 23.59
C PRO A 89 26.78 -0.57 24.52
N GLU A 90 25.93 -0.35 25.51
CA GLU A 90 25.56 -1.38 26.48
C GLU A 90 24.10 -1.77 26.24
N VAL A 91 23.84 -3.07 26.09
CA VAL A 91 22.53 -3.57 25.69
C VAL A 91 21.96 -4.47 26.79
N THR A 92 20.71 -4.24 27.13
CA THR A 92 20.01 -5.01 28.15
C THR A 92 18.60 -5.30 27.68
N VAL A 93 18.13 -6.53 27.88
CA VAL A 93 16.77 -6.92 27.51
C VAL A 93 16.04 -7.36 28.77
N PHE A 94 14.81 -6.87 28.95
CA PHE A 94 14.02 -7.23 30.13
C PHE A 94 12.55 -7.07 29.73
N SER A 95 11.66 -7.57 30.58
CA SER A 95 10.25 -7.45 30.28
C SER A 95 9.63 -6.28 31.04
N LYS A 96 8.55 -5.75 30.49
CA LYS A 96 7.84 -4.65 31.14
C LYS A 96 7.21 -5.10 32.46
N SER A 97 6.64 -6.29 32.49
CA SER A 97 6.02 -6.82 33.68
C SER A 97 6.54 -8.24 33.92
N PRO A 98 6.32 -8.78 35.12
CA PRO A 98 6.70 -10.18 35.36
C PRO A 98 6.10 -11.10 34.33
N VAL A 99 6.84 -12.16 34.00
CA VAL A 99 6.45 -13.07 32.93
C VAL A 99 5.47 -14.10 33.48
N THR A 100 4.27 -14.12 32.92
CA THR A 100 3.29 -15.19 33.16
C THR A 100 2.90 -15.76 31.81
N LEU A 101 3.14 -17.05 31.61
CA LEU A 101 2.86 -17.64 30.30
C LEU A 101 1.38 -17.47 29.94
N GLY A 102 1.13 -17.08 28.70
CA GLY A 102 -0.26 -16.90 28.27
C GLY A 102 -0.87 -15.55 28.60
N GLN A 103 -0.13 -14.63 29.28
CA GLN A 103 -0.60 -13.26 29.49
C GLN A 103 0.27 -12.30 28.68
N PRO A 104 -0.34 -11.38 27.93
CA PRO A 104 0.44 -10.47 27.07
C PRO A 104 1.48 -9.67 27.86
N ASN A 105 2.61 -9.38 27.21
CA ASN A 105 3.71 -8.69 27.85
C ASN A 105 4.40 -7.86 26.77
N ILE A 106 5.49 -7.20 27.16
CA ILE A 106 6.28 -6.44 26.21
C ILE A 106 7.75 -6.64 26.58
N LEU A 107 8.57 -7.03 25.60
CA LEU A 107 10.01 -7.10 25.81
C LEU A 107 10.62 -5.73 25.54
N ILE A 108 11.59 -5.36 26.36
CA ILE A 108 12.21 -4.03 26.29
C ILE A 108 13.69 -4.23 26.07
N CYS A 109 14.22 -3.58 25.04
CA CYS A 109 15.65 -3.67 24.75
C CYS A 109 16.23 -2.28 24.90
N LEU A 110 16.99 -2.07 25.97
CA LEU A 110 17.64 -0.79 26.24
C LEU A 110 19.02 -0.79 25.61
N VAL A 111 19.28 0.18 24.74
CA VAL A 111 20.61 0.38 24.16
C VAL A 111 21.17 1.69 24.73
N ASP A 112 22.19 1.59 25.57
CA ASP A 112 22.70 2.70 26.37
C ASP A 112 24.11 3.06 25.91
N ASN A 113 24.59 4.24 26.32
CA ASN A 113 25.92 4.75 25.95
C ASN A 113 26.13 4.71 24.44
N ILE A 114 25.15 5.24 23.70
CA ILE A 114 25.22 5.28 22.24
C ILE A 114 25.95 6.54 21.78
N PHE A 115 27.02 6.36 21.03
CA PHE A 115 27.56 7.48 20.25
C PHE A 115 28.46 6.96 19.14
N PRO A 116 28.33 7.49 17.91
CA PRO A 116 27.35 8.50 17.50
C PRO A 116 25.95 7.93 17.46
N PRO A 117 24.92 8.79 17.41
CA PRO A 117 23.53 8.27 17.43
C PRO A 117 23.13 7.70 16.08
N VAL A 118 23.73 6.56 15.73
CA VAL A 118 23.39 5.78 14.55
C VAL A 118 23.38 4.32 15.00
N VAL A 119 22.23 3.66 14.89
CA VAL A 119 22.10 2.30 15.44
C VAL A 119 20.96 1.61 14.70
N ASN A 120 21.10 0.29 14.56
CA ASN A 120 20.03 -0.58 14.08
C ASN A 120 19.68 -1.53 15.20
N ILE A 121 18.44 -1.47 15.69
CA ILE A 121 17.95 -2.36 16.74
C ILE A 121 16.83 -3.19 16.14
N THR A 122 17.01 -4.50 16.10
CA THR A 122 15.97 -5.39 15.56
C THR A 122 15.74 -6.54 16.53
N TRP A 123 14.72 -7.35 16.26
CA TRP A 123 14.35 -8.48 17.11
C TRP A 123 14.37 -9.76 16.30
N LEU A 124 14.76 -10.86 16.94
CA LEU A 124 14.82 -12.17 16.32
C LEU A 124 14.08 -13.18 17.19
N SER A 125 13.47 -14.16 16.54
CA SER A 125 12.83 -15.29 17.24
C SER A 125 13.20 -16.55 16.48
N ASN A 126 13.80 -17.51 17.18
CA ASN A 126 14.30 -18.74 16.57
C ASN A 126 15.18 -18.46 15.36
N GLY A 127 15.95 -17.37 15.44
CA GLY A 127 16.89 -17.00 14.42
C GLY A 127 16.35 -16.23 13.24
N HIS A 128 15.07 -15.88 13.24
CA HIS A 128 14.46 -15.16 12.14
C HIS A 128 13.93 -13.82 12.63
N SER A 129 13.97 -12.83 11.75
CA SER A 129 13.60 -11.48 12.14
C SER A 129 12.11 -11.39 12.45
N VAL A 130 11.79 -10.55 13.42
CA VAL A 130 10.42 -10.29 13.84
C VAL A 130 10.19 -8.80 13.74
N THR A 131 9.16 -8.40 12.99
CA THR A 131 8.83 -6.99 12.81
C THR A 131 7.46 -6.59 13.36
N GLU A 132 6.50 -7.52 13.43
CA GLU A 132 5.20 -7.19 13.99
C GLU A 132 5.34 -6.91 15.49
N GLY A 133 4.65 -5.88 15.97
CA GLY A 133 4.67 -5.54 17.38
C GLY A 133 5.95 -4.87 17.86
N VAL A 134 6.74 -4.30 16.95
CA VAL A 134 8.01 -3.66 17.26
C VAL A 134 7.83 -2.14 17.20
N SER A 135 8.39 -1.44 18.17
CA SER A 135 8.42 0.03 18.13
C SER A 135 9.64 0.51 18.91
N GLU A 136 9.93 1.80 18.83
CA GLU A 136 11.09 2.29 19.56
C GLU A 136 10.92 3.77 19.91
N THR A 137 11.66 4.21 20.92
CA THR A 137 11.73 5.62 21.27
C THR A 137 12.64 6.37 20.29
N SER A 138 12.67 7.69 20.43
CA SER A 138 13.71 8.48 19.77
C SER A 138 15.04 8.23 20.48
N PHE A 139 16.11 8.86 19.98
CA PHE A 139 17.33 8.92 20.78
C PHE A 139 17.08 9.85 21.95
N LEU A 140 17.26 9.35 23.17
CA LEU A 140 17.07 10.11 24.39
C LEU A 140 18.42 10.59 24.91
N SER A 141 18.46 11.83 25.40
CA SER A 141 19.75 12.46 25.69
C SER A 141 20.33 11.98 27.03
N LYS A 142 21.65 12.13 27.15
CA LYS A 142 22.36 11.86 28.39
C LYS A 142 23.27 13.04 28.70
N SER A 143 23.59 13.24 29.99
CA SER A 143 24.37 14.40 30.39
C SER A 143 25.82 14.34 29.91
N ASP A 144 26.35 13.16 29.59
CA ASP A 144 27.68 13.11 28.98
C ASP A 144 27.60 13.23 27.45
N HIS A 145 26.43 13.54 26.90
CA HIS A 145 26.12 13.84 25.51
C HIS A 145 26.17 12.62 24.59
N SER A 146 26.21 11.41 25.14
CA SER A 146 25.83 10.22 24.39
C SER A 146 24.31 10.11 24.45
N PHE A 147 23.75 9.00 23.93
CA PHE A 147 22.31 8.82 23.88
C PHE A 147 21.94 7.42 24.37
N PHE A 148 20.66 7.22 24.64
CA PHE A 148 20.13 5.87 24.71
C PHE A 148 18.86 5.80 23.88
N LYS A 149 18.47 4.57 23.59
CA LYS A 149 17.31 4.31 22.75
C LYS A 149 16.75 2.97 23.22
N ILE A 150 15.43 2.87 23.23
CA ILE A 150 14.74 1.68 23.73
C ILE A 150 13.82 1.16 22.65
N SER A 151 13.93 -0.13 22.35
CA SER A 151 13.04 -0.82 21.43
C SER A 151 12.12 -1.76 22.20
N TYR A 152 10.91 -1.96 21.67
CA TYR A 152 9.86 -2.75 22.30
C TYR A 152 9.36 -3.84 21.36
N LEU A 153 8.99 -4.98 21.93
CA LEU A 153 8.36 -6.05 21.17
C LEU A 153 7.19 -6.58 21.99
N THR A 154 5.96 -6.38 21.51
CA THR A 154 4.81 -6.97 22.18
C THR A 154 4.81 -8.48 21.89
N LEU A 155 4.36 -9.27 22.87
CA LEU A 155 4.34 -10.72 22.68
C LEU A 155 3.43 -11.39 23.69
N LEU A 156 3.14 -12.65 23.39
CA LEU A 156 2.46 -13.55 24.31
C LEU A 156 3.46 -14.59 24.79
N PRO A 157 3.97 -14.49 26.01
CA PRO A 157 5.00 -15.44 26.46
C PRO A 157 4.51 -16.86 26.36
N SER A 158 5.40 -17.74 25.89
CA SER A 158 5.05 -19.11 25.60
C SER A 158 6.29 -19.96 25.81
N ALA A 159 6.07 -21.21 26.25
CA ALA A 159 7.18 -22.07 26.67
C ALA A 159 8.19 -22.31 25.56
N GLU A 160 7.75 -22.37 24.31
CA GLU A 160 8.64 -22.78 23.23
C GLU A 160 9.36 -21.61 22.56
N GLU A 161 9.08 -20.36 22.94
CA GLU A 161 9.47 -19.24 22.12
C GLU A 161 10.40 -18.30 22.87
N SER A 162 11.62 -18.14 22.35
CA SER A 162 12.60 -17.22 22.89
C SER A 162 12.97 -16.19 21.82
N TYR A 163 13.66 -15.14 22.25
CA TYR A 163 13.89 -13.95 21.44
C TYR A 163 15.28 -13.41 21.66
N ASP A 164 15.77 -12.65 20.67
CA ASP A 164 17.01 -11.91 20.77
C ASP A 164 16.75 -10.48 20.33
N CYS A 165 17.32 -9.53 21.09
CA CYS A 165 17.47 -8.17 20.63
C CYS A 165 18.81 -8.07 19.92
N LYS A 166 18.81 -7.59 18.68
CA LYS A 166 20.00 -7.52 17.83
C LYS A 166 20.39 -6.06 17.65
N VAL A 167 21.65 -5.73 17.92
CA VAL A 167 22.09 -4.35 17.91
C VAL A 167 23.31 -4.22 17.02
N GLU A 168 23.21 -3.40 15.99
CA GLU A 168 24.31 -3.05 15.12
C GLU A 168 24.75 -1.63 15.44
N HIS A 169 26.04 -1.45 15.71
CA HIS A 169 26.61 -0.15 16.00
C HIS A 169 28.10 -0.19 15.66
N TRP A 170 28.62 0.94 15.20
CA TRP A 170 30.02 1.00 14.78
C TRP A 170 30.98 0.76 15.95
N GLY A 171 30.53 0.95 17.19
CA GLY A 171 31.35 0.61 18.33
C GLY A 171 31.47 -0.88 18.61
N LEU A 172 30.79 -1.74 17.83
CA LEU A 172 30.83 -3.18 18.02
C LEU A 172 31.49 -3.84 16.81
N ASP A 173 32.38 -4.80 17.08
CA ASP A 173 32.99 -5.57 15.99
C ASP A 173 31.93 -6.29 15.17
N LYS A 174 30.95 -6.88 15.83
CA LYS A 174 29.90 -7.63 15.17
C LYS A 174 28.59 -7.34 15.89
N PRO A 175 27.45 -7.56 15.23
CA PRO A 175 26.16 -7.34 15.89
C PRO A 175 26.08 -8.06 17.24
N LEU A 176 25.50 -7.36 18.20
CA LEU A 176 25.33 -7.85 19.56
C LEU A 176 23.94 -8.44 19.71
N LEU A 177 23.85 -9.67 20.19
CA LEU A 177 22.58 -10.33 20.45
C LEU A 177 22.42 -10.48 21.96
N LYS A 178 21.34 -9.94 22.52
CA LYS A 178 20.98 -10.18 23.91
C LYS A 178 19.75 -11.06 23.93
N HIS A 179 19.89 -12.22 24.55
CA HIS A 179 18.85 -13.24 24.54
C HIS A 179 17.85 -13.03 25.68
N TRP A 180 16.60 -13.43 25.44
CA TRP A 180 15.56 -13.44 26.47
C TRP A 180 14.80 -14.76 26.39
N GLU A 181 14.65 -15.43 27.54
CA GLU A 181 13.93 -16.69 27.67
C GLU A 181 12.70 -16.50 28.55
N PRO A 182 11.57 -17.14 28.24
CA PRO A 182 10.40 -17.02 29.11
C PRO A 182 10.47 -17.90 30.35
N GLU A 183 11.31 -18.93 30.36
CA GLU A 183 11.42 -19.85 31.50
C GLU A 183 10.08 -20.43 31.96
N SER B 9 34.10 1.57 8.40
CA SER B 9 33.61 2.40 9.50
C SER B 9 33.39 3.84 9.07
N PRO B 10 32.13 4.21 8.78
CA PRO B 10 31.86 5.55 8.26
C PRO B 10 32.17 6.61 9.29
N GLU B 11 32.66 7.74 8.80
CA GLU B 11 32.92 8.85 9.70
C GLU B 11 31.64 9.66 9.91
N ASP B 12 31.59 10.37 11.02
CA ASP B 12 30.39 11.09 11.39
C ASP B 12 30.80 12.33 12.15
N PHE B 13 30.15 13.44 11.83
CA PHE B 13 30.31 14.70 12.54
C PHE B 13 28.95 15.05 13.12
N VAL B 14 28.90 15.34 14.41
CA VAL B 14 27.65 15.45 15.15
C VAL B 14 27.59 16.80 15.86
N TYR B 15 26.42 17.41 15.83
CA TYR B 15 26.17 18.67 16.54
C TYR B 15 24.91 18.55 17.38
N GLN B 16 24.97 19.00 18.63
CA GLN B 16 23.80 18.97 19.50
C GLN B 16 23.57 20.35 20.07
N PHE B 17 22.29 20.71 20.24
CA PHE B 17 21.92 21.88 20.99
C PHE B 17 20.86 21.50 21.99
N LYS B 18 21.08 21.83 23.25
CA LYS B 18 20.20 21.43 24.36
C LYS B 18 19.76 22.67 25.11
N GLY B 19 18.47 22.95 25.07
CA GLY B 19 17.94 24.11 25.79
C GLY B 19 17.37 23.69 27.13
N MET B 20 18.17 23.71 28.18
CA MET B 20 17.81 22.98 29.39
C MET B 20 17.37 23.91 30.51
N CYS B 21 16.43 23.41 31.32
CA CYS B 21 15.89 24.07 32.50
C CYS B 21 16.00 23.14 33.69
N TYR B 22 16.41 23.70 34.84
CA TYR B 22 16.57 22.96 36.10
C TYR B 22 15.70 23.63 37.16
N PHE B 23 14.81 22.86 37.79
CA PHE B 23 13.83 23.35 38.73
C PHE B 23 14.03 22.74 40.11
N THR B 24 13.99 23.58 41.16
CA THR B 24 14.08 23.13 42.53
C THR B 24 13.08 23.91 43.38
N ASN B 25 12.33 23.19 44.22
CA ASN B 25 11.30 23.79 45.06
C ASN B 25 10.28 24.55 44.19
N GLY B 26 9.58 23.79 43.35
CA GLY B 26 8.65 24.43 42.43
C GLY B 26 9.41 25.33 41.46
N THR B 27 8.99 26.59 41.34
CA THR B 27 9.72 27.57 40.54
C THR B 27 10.49 28.57 41.40
N GLU B 28 10.72 28.25 42.68
CA GLU B 28 11.50 29.16 43.50
C GLU B 28 12.93 29.27 42.99
N ARG B 29 13.56 28.15 42.70
CA ARG B 29 14.92 28.14 42.16
C ARG B 29 14.87 27.55 40.76
N VAL B 30 15.15 28.35 39.75
CA VAL B 30 15.12 27.90 38.37
C VAL B 30 16.41 28.36 37.71
N ARG B 31 17.04 27.48 36.94
CA ARG B 31 18.30 27.78 36.29
C ARG B 31 18.21 27.30 34.85
N LEU B 32 18.56 28.16 33.91
CA LEU B 32 18.55 27.85 32.49
C LEU B 32 19.98 27.61 32.04
N VAL B 33 20.22 26.52 31.30
CA VAL B 33 21.54 26.26 30.72
C VAL B 33 21.32 25.77 29.29
N SER B 34 21.70 26.58 28.30
CA SER B 34 21.66 26.11 26.91
C SER B 34 23.08 25.73 26.48
N ARG B 35 23.23 24.56 25.87
CA ARG B 35 24.51 23.91 25.60
C ARG B 35 24.64 23.63 24.11
N SER B 36 25.70 24.14 23.50
CA SER B 36 26.05 23.82 22.13
C SER B 36 27.21 22.83 22.15
N ILE B 37 27.06 21.70 21.45
CA ILE B 37 27.95 20.56 21.59
C ILE B 37 28.44 20.14 20.21
N TYR B 38 29.76 19.98 20.05
CA TYR B 38 30.36 19.42 18.85
C TYR B 38 30.82 18.01 19.18
N ASN B 39 30.26 17.02 18.48
CA ASN B 39 30.40 15.60 18.82
C ASN B 39 29.95 15.38 20.26
N ARG B 40 30.88 15.12 21.18
CA ARG B 40 30.48 14.97 22.58
C ARG B 40 31.08 16.05 23.46
N GLU B 41 31.60 17.11 22.86
CA GLU B 41 32.26 18.20 23.58
C GLU B 41 31.34 19.42 23.56
N GLU B 42 30.83 19.80 24.72
CA GLU B 42 30.14 21.07 24.84
C GLU B 42 31.16 22.20 24.62
N ILE B 43 30.89 23.09 23.67
CA ILE B 43 31.87 24.09 23.29
C ILE B 43 31.48 25.49 23.78
N VAL B 44 30.19 25.78 23.94
CA VAL B 44 29.77 27.09 24.40
C VAL B 44 28.43 26.92 25.11
N ARG B 45 28.20 27.78 26.10
CA ARG B 45 27.12 27.63 27.04
C ARG B 45 26.54 28.99 27.40
N PHE B 46 25.23 29.05 27.60
CA PHE B 46 24.59 30.15 28.30
C PHE B 46 23.97 29.62 29.58
N ASP B 47 24.51 30.04 30.71
CA ASP B 47 24.06 29.68 32.06
C ASP B 47 23.40 30.91 32.68
N SER B 48 22.11 30.81 33.00
CA SER B 48 21.43 31.97 33.58
C SER B 48 22.05 32.40 34.90
N ASP B 49 22.73 31.49 35.60
CA ASP B 49 23.47 31.92 36.79
C ASP B 49 24.67 32.78 36.44
N VAL B 50 25.14 32.74 35.19
CA VAL B 50 26.30 33.52 34.77
C VAL B 50 25.89 34.80 34.06
N GLY B 51 24.87 34.74 33.21
CA GLY B 51 24.31 35.92 32.58
C GLY B 51 24.94 36.31 31.24
N GLU B 52 25.97 35.62 30.80
CA GLU B 52 26.54 35.86 29.49
C GLU B 52 26.95 34.53 28.89
N PHE B 53 27.14 34.51 27.57
CA PHE B 53 27.67 33.32 26.94
C PHE B 53 29.11 33.10 27.37
N ARG B 54 29.48 31.84 27.58
CA ARG B 54 30.84 31.48 27.95
C ARG B 54 31.30 30.34 27.08
N ALA B 55 32.52 30.47 26.55
CA ALA B 55 33.12 29.35 25.83
C ALA B 55 33.49 28.25 26.81
N VAL B 56 33.16 27.01 26.48
CA VAL B 56 33.57 25.90 27.34
C VAL B 56 34.90 25.32 26.91
N THR B 57 35.14 25.28 25.60
CA THR B 57 36.42 24.91 25.03
C THR B 57 36.80 25.99 24.03
N LEU B 58 38.02 25.87 23.52
CA LEU B 58 38.52 26.87 22.57
C LEU B 58 37.65 26.95 21.33
N LEU B 59 37.10 25.82 20.89
CA LEU B 59 36.31 25.79 19.67
C LEU B 59 35.04 26.61 19.81
N GLY B 60 34.61 26.93 21.02
CA GLY B 60 33.43 27.74 21.19
C GLY B 60 33.68 29.23 21.31
N LEU B 61 34.94 29.66 21.36
CA LEU B 61 35.26 31.08 21.54
C LEU B 61 34.67 31.97 20.47
N PRO B 62 34.78 31.68 19.17
CA PRO B 62 34.19 32.60 18.18
C PRO B 62 32.70 32.78 18.34
N ALA B 63 31.96 31.70 18.66
CA ALA B 63 30.53 31.85 18.85
C ALA B 63 30.21 32.68 20.08
N ALA B 64 30.90 32.40 21.19
CA ALA B 64 30.62 33.13 22.42
C ALA B 64 30.84 34.62 22.24
N GLU B 65 31.93 35.01 21.57
CA GLU B 65 32.20 36.42 21.39
C GLU B 65 31.19 37.07 20.45
N TYR B 66 30.84 36.39 19.36
CA TYR B 66 29.85 36.93 18.44
C TYR B 66 28.49 37.07 19.11
N TRP B 67 28.08 36.05 19.88
CA TRP B 67 26.76 36.08 20.50
C TRP B 67 26.70 37.09 21.65
N ASN B 68 27.78 37.22 22.41
CA ASN B 68 27.79 38.23 23.48
C ASN B 68 27.77 39.66 22.93
N SER B 69 28.23 39.87 21.70
CA SER B 69 28.27 41.22 21.14
C SER B 69 26.91 41.72 20.70
N GLN B 70 25.91 40.85 20.63
CA GLN B 70 24.57 41.20 20.16
C GLN B 70 23.67 41.44 21.38
N LYS B 71 23.34 42.72 21.62
CA LYS B 71 22.64 43.08 22.85
C LYS B 71 21.21 42.55 22.87
N ASP B 72 20.56 42.48 21.70
CA ASP B 72 19.22 41.93 21.66
C ASP B 72 19.21 40.44 22.00
N ILE B 73 20.21 39.70 21.51
CA ILE B 73 20.27 38.27 21.83
C ILE B 73 20.43 38.07 23.32
N LEU B 74 21.36 38.83 23.92
CA LEU B 74 21.62 38.70 25.35
C LEU B 74 20.37 39.01 26.18
N GLU B 75 19.61 40.03 25.78
CA GLU B 75 18.40 40.36 26.53
C GLU B 75 17.40 39.21 26.47
N ARG B 76 17.20 38.61 25.30
CA ARG B 76 16.28 37.49 25.17
C ARG B 76 16.76 36.29 25.97
N LYS B 77 18.06 36.02 25.94
CA LYS B 77 18.60 34.90 26.70
C LYS B 77 18.42 35.12 28.20
N ARG B 78 18.68 36.33 28.68
CA ARG B 78 18.57 36.58 30.12
C ARG B 78 17.13 36.49 30.61
N ALA B 79 16.16 36.75 29.74
CA ALA B 79 14.76 36.60 30.12
C ALA B 79 14.22 35.18 29.93
N ALA B 80 14.96 34.29 29.27
CA ALA B 80 14.38 33.00 28.91
C ALA B 80 14.13 32.09 30.11
N VAL B 81 14.81 32.30 31.24
CA VAL B 81 14.50 31.52 32.43
C VAL B 81 13.04 31.71 32.81
N ASP B 82 12.49 32.90 32.54
CA ASP B 82 11.08 33.14 32.79
C ASP B 82 10.21 32.81 31.58
N ARG B 83 10.59 33.28 30.39
CA ARG B 83 9.75 33.12 29.21
C ARG B 83 9.68 31.67 28.75
N VAL B 84 10.70 30.87 29.05
CA VAL B 84 10.74 29.47 28.64
C VAL B 84 10.60 28.55 29.86
N CYS B 85 11.51 28.65 30.83
CA CYS B 85 11.55 27.65 31.89
C CYS B 85 10.35 27.75 32.81
N ARG B 86 10.17 28.91 33.47
CA ARG B 86 9.03 29.05 34.35
C ARG B 86 7.72 28.99 33.58
N HIS B 87 7.71 29.48 32.35
CA HIS B 87 6.52 29.39 31.52
C HIS B 87 6.12 27.93 31.29
N ASN B 88 7.06 27.12 30.81
CA ASN B 88 6.73 25.72 30.54
C ASN B 88 6.41 24.98 31.82
N TYR B 89 6.99 25.38 32.94
CA TYR B 89 6.72 24.67 34.19
C TYR B 89 5.24 24.73 34.57
N GLN B 90 4.57 25.87 34.30
CA GLN B 90 3.13 25.93 34.57
C GLN B 90 2.37 24.88 33.77
N LEU B 91 2.83 24.59 32.55
CA LEU B 91 2.19 23.54 31.76
C LEU B 91 2.50 22.15 32.34
N GLU B 92 3.75 21.92 32.76
CA GLU B 92 4.07 20.64 33.40
C GLU B 92 3.23 20.41 34.65
N LEU B 93 2.94 21.48 35.38
CA LEU B 93 2.19 21.36 36.63
C LEU B 93 0.81 20.77 36.42
N ARG B 94 0.20 20.98 35.25
CA ARG B 94 -1.12 20.39 35.03
C ARG B 94 -1.10 19.22 34.06
N THR B 95 0.09 18.71 33.71
CA THR B 95 0.19 17.54 32.84
C THR B 95 1.14 16.50 33.44
N THR B 96 2.44 16.62 33.12
CA THR B 96 3.43 15.63 33.55
C THR B 96 3.53 15.53 35.06
N LEU B 97 3.49 16.65 35.79
CA LEU B 97 3.63 16.56 37.24
C LEU B 97 2.34 16.08 37.91
N GLN B 98 1.25 15.94 37.17
CA GLN B 98 0.03 15.34 37.70
C GLN B 98 -0.13 13.88 37.30
N ARG B 99 0.79 13.35 36.50
CA ARG B 99 0.70 11.97 36.06
C ARG B 99 0.85 11.03 37.25
N ARG B 100 -0.10 10.12 37.41
CA ARG B 100 -0.08 9.13 38.48
C ARG B 100 -0.40 7.77 37.86
N VAL B 101 0.56 6.85 37.92
CA VAL B 101 0.33 5.46 37.52
C VAL B 101 0.67 4.59 38.72
N GLU B 102 -0.33 3.88 39.23
CA GLU B 102 -0.14 3.08 40.43
C GLU B 102 0.67 1.82 40.13
N PRO B 103 1.64 1.49 40.98
CA PRO B 103 2.45 0.30 40.73
C PRO B 103 1.66 -0.99 40.94
N THR B 104 2.02 -1.99 40.15
CA THR B 104 1.59 -3.36 40.35
C THR B 104 2.68 -4.06 41.15
N VAL B 105 2.29 -4.78 42.21
CA VAL B 105 3.24 -5.38 43.15
C VAL B 105 3.02 -6.88 43.17
N THR B 106 4.08 -7.63 42.89
CA THR B 106 4.00 -9.08 42.76
C THR B 106 5.19 -9.69 43.48
N ILE B 107 5.00 -10.86 44.07
CA ILE B 107 6.09 -11.60 44.70
C ILE B 107 6.19 -12.94 44.01
N SER B 108 7.40 -13.32 43.61
CA SER B 108 7.62 -14.65 43.03
C SER B 108 8.97 -15.20 43.47
N PRO B 109 9.05 -16.48 43.77
CA PRO B 109 10.33 -17.07 44.17
C PRO B 109 11.29 -17.19 43.00
N SER B 110 12.58 -17.20 43.33
CA SER B 110 13.63 -17.30 42.33
C SER B 110 14.72 -18.27 42.78
N HIS B 118 13.47 -22.35 47.09
CA HIS B 118 13.75 -21.03 46.51
C HIS B 118 14.05 -20.02 47.61
N ASN B 119 15.34 -19.85 47.91
CA ASN B 119 15.79 -19.01 49.02
C ASN B 119 15.75 -17.53 48.69
N LEU B 120 15.26 -17.14 47.52
CA LEU B 120 15.28 -15.75 47.09
C LEU B 120 13.88 -15.34 46.61
N LEU B 121 13.30 -14.35 47.27
CA LEU B 121 12.02 -13.80 46.88
C LEU B 121 12.24 -12.51 46.09
N VAL B 122 11.55 -12.36 44.97
CA VAL B 122 11.63 -11.17 44.13
C VAL B 122 10.32 -10.39 44.27
N CYS B 123 10.39 -9.20 44.85
CA CYS B 123 9.25 -8.30 44.86
C CYS B 123 9.37 -7.38 43.65
N SER B 124 8.55 -7.64 42.62
CA SER B 124 8.52 -6.85 41.39
C SER B 124 7.51 -5.73 41.55
N VAL B 125 7.96 -4.49 41.38
CA VAL B 125 7.10 -3.32 41.49
C VAL B 125 7.11 -2.67 40.12
N THR B 126 6.05 -2.83 39.34
CA THR B 126 6.12 -2.51 37.93
C THR B 126 5.10 -1.45 37.52
N ASP B 127 5.45 -0.72 36.46
CA ASP B 127 4.58 0.24 35.78
C ASP B 127 4.07 1.33 36.73
N PHE B 128 4.98 2.17 37.22
CA PHE B 128 4.57 3.27 38.09
C PHE B 128 5.16 4.59 37.62
N TYR B 129 4.48 5.69 37.97
CA TYR B 129 4.98 7.03 37.66
C TYR B 129 4.37 7.95 38.70
N PRO B 130 5.13 8.89 39.28
CA PRO B 130 6.53 9.27 39.00
C PRO B 130 7.55 8.35 39.65
N ALA B 131 8.82 8.79 39.66
CA ALA B 131 9.93 7.95 40.06
C ALA B 131 9.96 7.65 41.56
N GLN B 132 9.51 8.57 42.39
CA GLN B 132 9.64 8.41 43.84
C GLN B 132 8.89 7.17 44.33
N ILE B 133 9.60 6.31 45.06
CA ILE B 133 9.01 5.06 45.55
C ILE B 133 9.85 4.57 46.73
N LYS B 134 9.23 3.77 47.60
CA LYS B 134 9.95 3.15 48.70
C LYS B 134 9.43 1.74 48.87
N VAL B 135 10.33 0.76 48.82
CA VAL B 135 9.95 -0.65 48.89
C VAL B 135 10.72 -1.28 50.05
N ARG B 136 9.99 -1.95 50.94
CA ARG B 136 10.64 -2.57 52.09
C ARG B 136 10.13 -3.99 52.25
N TRP B 137 11.02 -4.87 52.67
CA TRP B 137 10.71 -6.26 52.98
C TRP B 137 10.57 -6.38 54.49
N PHE B 138 9.55 -7.12 54.93
CA PHE B 138 9.33 -7.40 56.34
C PHE B 138 9.26 -8.90 56.55
N ARG B 139 9.84 -9.37 57.63
CA ARG B 139 9.68 -10.75 58.07
C ARG B 139 8.89 -10.69 59.37
N ASN B 140 7.67 -11.23 59.34
CA ASN B 140 6.71 -10.98 60.40
C ASN B 140 6.53 -9.48 60.54
N ASP B 141 6.93 -8.88 61.64
CA ASP B 141 6.84 -7.42 61.74
C ASP B 141 8.21 -6.74 61.78
N GLN B 142 9.27 -7.46 61.47
CA GLN B 142 10.63 -6.92 61.51
C GLN B 142 11.09 -6.57 60.08
N GLU B 143 11.51 -5.33 59.88
CA GLU B 143 12.03 -4.94 58.58
C GLU B 143 13.37 -5.62 58.31
N GLU B 144 13.52 -6.20 57.13
CA GLU B 144 14.75 -6.86 56.71
C GLU B 144 15.58 -5.88 55.88
N THR B 145 16.83 -5.63 56.32
CA THR B 145 17.77 -4.80 55.58
C THR B 145 18.95 -5.60 55.03
N ALA B 146 19.62 -6.38 55.88
CA ALA B 146 20.57 -7.35 55.38
C ALA B 146 19.83 -8.40 54.55
N GLY B 147 20.54 -9.00 53.61
CA GLY B 147 19.90 -9.95 52.71
C GLY B 147 18.98 -9.34 51.66
N VAL B 148 18.82 -8.02 51.64
CA VAL B 148 18.00 -7.34 50.65
C VAL B 148 18.92 -6.67 49.64
N VAL B 149 18.61 -6.83 48.36
CA VAL B 149 19.30 -6.14 47.28
C VAL B 149 18.28 -5.76 46.22
N SER B 150 18.43 -4.54 45.69
CA SER B 150 17.47 -3.99 44.76
C SER B 150 18.18 -3.64 43.46
N THR B 151 17.45 -3.77 42.35
CA THR B 151 17.93 -3.21 41.10
C THR B 151 17.99 -1.70 41.25
N PRO B 152 18.69 -1.01 40.33
CA PRO B 152 18.45 0.42 40.18
C PRO B 152 17.01 0.67 39.80
N LEU B 153 16.60 1.91 39.92
CA LEU B 153 15.34 2.30 39.29
C LEU B 153 15.45 2.09 37.77
N ILE B 154 14.48 1.39 37.20
CA ILE B 154 14.50 1.02 35.78
C ILE B 154 13.53 1.92 35.01
N ARG B 155 14.03 2.64 34.01
CA ARG B 155 13.20 3.49 33.15
C ARG B 155 12.73 2.71 31.93
N ASN B 156 11.41 2.55 31.77
CA ASN B 156 10.90 1.75 30.66
C ASN B 156 10.85 2.53 29.36
N GLY B 157 10.94 3.85 29.43
CA GLY B 157 10.92 4.71 28.24
C GLY B 157 9.53 5.12 27.80
N ASP B 158 8.49 4.51 28.37
CA ASP B 158 7.11 4.79 28.02
C ASP B 158 6.41 5.60 29.10
N TRP B 159 7.17 6.38 29.86
CA TRP B 159 6.67 7.15 31.00
C TRP B 159 6.19 6.24 32.14
N THR B 160 6.83 5.07 32.29
CA THR B 160 6.71 4.26 33.50
C THR B 160 8.08 3.76 33.91
N PHE B 161 8.18 3.40 35.19
CA PHE B 161 9.33 2.80 35.84
C PHE B 161 8.94 1.43 36.39
N GLN B 162 9.98 0.69 36.80
CA GLN B 162 9.85 -0.53 37.58
C GLN B 162 11.11 -0.63 38.42
N ILE B 163 11.00 -1.42 39.48
CA ILE B 163 12.15 -1.73 40.34
C ILE B 163 11.88 -3.11 40.93
N LEU B 164 12.93 -3.90 41.07
CA LEU B 164 12.84 -5.27 41.61
C LEU B 164 13.67 -5.32 42.87
N VAL B 165 13.05 -5.75 43.97
CA VAL B 165 13.68 -5.77 45.29
C VAL B 165 13.69 -7.20 45.79
N MET B 166 14.89 -7.78 45.96
CA MET B 166 15.03 -9.18 46.29
C MET B 166 15.42 -9.38 47.74
N LEU B 167 14.93 -10.47 48.32
CA LEU B 167 15.23 -10.84 49.70
C LEU B 167 15.68 -12.29 49.71
N GLU B 168 16.89 -12.52 50.21
CA GLU B 168 17.36 -13.88 50.49
C GLU B 168 16.86 -14.33 51.84
N MET B 169 16.25 -15.50 51.89
CA MET B 169 15.61 -15.99 53.10
C MET B 169 16.07 -17.39 53.44
N THR B 170 15.91 -17.70 54.73
CA THR B 170 15.91 -19.07 55.25
C THR B 170 14.58 -19.18 55.98
N PRO B 171 13.54 -19.68 55.32
CA PRO B 171 12.18 -19.57 55.86
C PRO B 171 11.87 -20.67 56.87
N GLN B 172 11.43 -20.27 58.05
CA GLN B 172 10.95 -21.18 59.08
C GLN B 172 9.43 -21.27 59.04
N ARG B 173 8.92 -22.34 59.64
CA ARG B 173 7.50 -22.63 59.63
C ARG B 173 6.72 -21.52 60.33
N GLY B 174 5.61 -21.10 59.70
CA GLY B 174 4.81 -20.01 60.19
C GLY B 174 5.24 -18.62 59.74
N ASP B 175 6.43 -18.48 59.17
CA ASP B 175 6.93 -17.16 58.79
C ASP B 175 6.07 -16.53 57.70
N VAL B 176 5.87 -15.22 57.82
CA VAL B 176 5.10 -14.43 56.87
C VAL B 176 5.99 -13.31 56.35
N TYR B 177 6.23 -13.29 55.05
CA TYR B 177 7.05 -12.26 54.42
C TYR B 177 6.15 -11.33 53.63
N THR B 178 6.40 -10.03 53.77
CA THR B 178 5.57 -9.00 53.16
C THR B 178 6.44 -7.96 52.45
N CYS B 179 5.98 -7.54 51.28
CA CYS B 179 6.61 -6.46 50.52
C CYS B 179 5.74 -5.23 50.64
N HIS B 180 6.32 -4.16 51.17
CA HIS B 180 5.63 -2.91 51.48
C HIS B 180 6.04 -1.87 50.45
N VAL B 181 5.07 -1.28 49.76
CA VAL B 181 5.34 -0.32 48.68
C VAL B 181 4.54 0.96 48.94
N GLU B 182 5.25 2.09 48.98
CA GLU B 182 4.65 3.41 49.10
C GLU B 182 4.96 4.22 47.86
N HIS B 183 3.98 4.98 47.39
CA HIS B 183 4.11 5.70 46.12
C HIS B 183 3.12 6.85 46.12
N PRO B 184 3.44 7.99 45.47
CA PRO B 184 2.52 9.13 45.51
C PRO B 184 1.14 8.85 44.92
N SER B 185 1.03 7.88 44.01
CA SER B 185 -0.28 7.57 43.43
C SER B 185 -1.18 6.77 44.36
N LEU B 186 -0.65 6.29 45.49
CA LEU B 186 -1.36 5.37 46.36
C LEU B 186 -1.94 6.10 47.55
N GLN B 187 -3.25 5.99 47.73
CA GLN B 187 -3.89 6.56 48.92
C GLN B 187 -3.46 5.81 50.18
N SER B 188 -3.22 4.51 50.07
CA SER B 188 -2.63 3.73 51.14
C SER B 188 -1.58 2.80 50.55
N PRO B 189 -0.53 2.47 51.31
CA PRO B 189 0.55 1.63 50.77
C PRO B 189 0.04 0.26 50.38
N ILE B 190 0.71 -0.36 49.40
CA ILE B 190 0.39 -1.72 48.99
C ILE B 190 1.25 -2.68 49.79
N THR B 191 0.63 -3.74 50.31
CA THR B 191 1.35 -4.79 51.00
C THR B 191 0.98 -6.12 50.36
N VAL B 192 1.99 -6.89 49.96
CA VAL B 192 1.79 -8.22 49.39
C VAL B 192 2.47 -9.23 50.29
N GLU B 193 1.77 -10.31 50.61
CA GLU B 193 2.28 -11.34 51.50
C GLU B 193 2.79 -12.53 50.70
N TRP B 194 3.83 -13.16 51.22
CA TRP B 194 4.27 -14.45 50.71
C TRP B 194 4.42 -15.41 51.88
N ARG B 195 3.92 -16.63 51.72
CA ARG B 195 4.04 -17.68 52.73
C ARG B 195 4.46 -18.97 52.07
N ALA B 196 5.28 -19.75 52.74
CA ALA B 196 5.73 -21.04 52.20
C ALA B 196 4.68 -22.14 52.44
N ILE C 3 -5.81 1.09 -19.86
CA ILE C 3 -6.67 2.01 -19.14
C ILE C 3 -7.72 1.24 -18.34
N VAL C 4 -7.99 1.69 -17.10
CA VAL C 4 -8.98 1.07 -16.23
C VAL C 4 -10.26 1.90 -16.27
N ALA C 5 -11.39 1.23 -16.46
CA ALA C 5 -12.67 1.93 -16.53
C ALA C 5 -13.79 0.96 -16.24
N ASP C 6 -14.90 1.49 -15.72
CA ASP C 6 -16.09 0.67 -15.51
C ASP C 6 -16.66 0.17 -16.82
N HIS C 7 -16.64 1.00 -17.87
CA HIS C 7 -17.14 0.61 -19.18
C HIS C 7 -16.25 1.19 -20.27
N VAL C 8 -16.16 0.49 -21.39
CA VAL C 8 -15.37 0.92 -22.54
C VAL C 8 -16.16 0.72 -23.82
N ALA C 9 -16.13 1.72 -24.68
CA ALA C 9 -16.83 1.62 -25.95
C ALA C 9 -15.91 2.09 -27.06
N SER C 10 -16.20 1.62 -28.26
CA SER C 10 -15.55 2.08 -29.47
C SER C 10 -16.65 2.59 -30.38
N TYR C 11 -16.63 3.88 -30.66
CA TYR C 11 -17.66 4.54 -31.49
C TYR C 11 -16.99 5.24 -32.68
N GLY C 12 -16.45 4.50 -33.64
CA GLY C 12 -16.49 3.06 -33.64
C GLY C 12 -15.14 2.44 -33.95
N VAL C 13 -15.18 1.18 -34.35
CA VAL C 13 -14.02 0.45 -34.85
C VAL C 13 -14.07 0.55 -36.36
N ASN C 14 -13.03 1.14 -36.94
CA ASN C 14 -12.89 1.32 -38.37
C ASN C 14 -11.71 0.48 -38.85
N LEU C 15 -11.92 -0.29 -39.93
CA LEU C 15 -10.90 -1.18 -40.45
C LEU C 15 -10.85 -1.04 -41.96
N TYR C 16 -9.64 -0.93 -42.53
CA TYR C 16 -9.45 -1.01 -43.97
C TYR C 16 -8.09 -1.66 -44.22
N GLN C 17 -8.05 -2.58 -45.18
CA GLN C 17 -6.83 -3.30 -45.48
C GLN C 17 -6.69 -3.48 -46.99
N SER C 18 -5.43 -3.64 -47.43
CA SER C 18 -5.16 -3.73 -48.86
C SER C 18 -5.64 -5.04 -49.45
N TYR C 19 -5.59 -6.13 -48.69
CA TYR C 19 -5.97 -7.44 -49.23
C TYR C 19 -7.46 -7.46 -49.48
N GLY C 20 -7.84 -7.59 -50.75
CA GLY C 20 -9.23 -7.54 -51.15
C GLY C 20 -9.48 -6.53 -52.24
N PRO C 21 -9.57 -5.24 -51.87
CA PRO C 21 -9.48 -4.75 -50.50
C PRO C 21 -10.79 -4.95 -49.75
N SER C 22 -10.78 -4.68 -48.45
CA SER C 22 -11.98 -4.84 -47.65
C SER C 22 -11.94 -3.87 -46.48
N GLY C 23 -13.11 -3.61 -45.92
CA GLY C 23 -13.22 -2.75 -44.76
C GLY C 23 -14.26 -3.30 -43.80
N GLN C 24 -14.34 -2.67 -42.63
CA GLN C 24 -15.36 -3.02 -41.64
C GLN C 24 -15.63 -1.80 -40.75
N TYR C 25 -16.91 -1.54 -40.47
CA TYR C 25 -17.33 -0.49 -39.54
C TYR C 25 -18.30 -1.06 -38.51
N THR C 26 -17.95 -0.96 -37.23
CA THR C 26 -18.77 -1.44 -36.12
C THR C 26 -18.67 -0.47 -34.95
N HIS C 27 -19.65 -0.53 -34.05
CA HIS C 27 -19.52 0.06 -32.73
C HIS C 27 -19.53 -1.07 -31.72
N GLU C 28 -18.74 -0.93 -30.66
CA GLU C 28 -18.64 -1.95 -29.61
C GLU C 28 -18.95 -1.30 -28.27
N PHE C 29 -19.60 -2.05 -27.38
CA PHE C 29 -19.79 -1.58 -26.01
C PHE C 29 -19.44 -2.74 -25.07
N ASP C 30 -18.50 -2.48 -24.16
CA ASP C 30 -18.00 -3.49 -23.22
C ASP C 30 -17.66 -4.79 -23.94
N GLY C 31 -17.05 -4.66 -25.12
CA GLY C 31 -16.51 -5.82 -25.81
C GLY C 31 -17.47 -6.58 -26.71
N ASP C 32 -18.70 -6.12 -26.86
CA ASP C 32 -19.66 -6.77 -27.74
C ASP C 32 -20.06 -5.81 -28.87
N GLU C 33 -20.40 -6.39 -30.01
CA GLU C 33 -20.71 -5.63 -31.23
C GLU C 33 -22.15 -5.11 -31.15
N GLN C 34 -22.30 -3.79 -31.16
CA GLN C 34 -23.62 -3.16 -31.14
C GLN C 34 -24.27 -3.20 -32.51
N PHE C 35 -23.50 -2.96 -33.56
CA PHE C 35 -23.99 -3.03 -34.93
C PHE C 35 -22.79 -3.05 -35.86
N TYR C 36 -23.04 -3.42 -37.10
CA TYR C 36 -22.09 -3.17 -38.17
C TYR C 36 -22.81 -2.47 -39.30
N VAL C 37 -22.05 -1.78 -40.14
CA VAL C 37 -22.58 -1.20 -41.36
C VAL C 37 -22.16 -2.10 -42.52
N ASP C 38 -23.13 -2.65 -43.21
CA ASP C 38 -22.88 -3.40 -44.44
C ASP C 38 -22.42 -2.39 -45.48
N LEU C 39 -21.12 -2.35 -45.75
CA LEU C 39 -20.58 -1.33 -46.65
C LEU C 39 -21.06 -1.51 -48.08
N GLY C 40 -21.27 -2.75 -48.53
CA GLY C 40 -21.73 -2.97 -49.88
C GLY C 40 -23.20 -2.62 -50.06
N ARG C 41 -24.05 -3.07 -49.14
CA ARG C 41 -25.47 -2.77 -49.22
C ARG C 41 -25.82 -1.40 -48.64
N LYS C 42 -24.89 -0.76 -47.93
CA LYS C 42 -25.11 0.54 -47.32
C LYS C 42 -26.32 0.52 -46.37
N GLU C 43 -26.22 -0.30 -45.33
CA GLU C 43 -27.30 -0.35 -44.35
C GLU C 43 -26.73 -0.74 -42.99
N THR C 44 -27.32 -0.16 -41.96
CA THR C 44 -26.91 -0.43 -40.59
C THR C 44 -27.59 -1.71 -40.12
N VAL C 45 -26.82 -2.64 -39.56
CA VAL C 45 -27.36 -3.91 -39.11
C VAL C 45 -27.12 -4.02 -37.60
N TRP C 46 -28.19 -3.86 -36.83
CA TRP C 46 -28.09 -3.90 -35.38
C TRP C 46 -27.94 -5.33 -34.87
N SER C 47 -27.01 -5.54 -33.93
CA SER C 47 -26.79 -6.87 -33.40
C SER C 47 -27.59 -7.15 -32.14
N LEU C 48 -28.15 -6.13 -31.52
CA LEU C 48 -28.94 -6.28 -30.30
C LEU C 48 -30.32 -5.71 -30.56
N PRO C 49 -31.38 -6.50 -30.38
CA PRO C 49 -32.73 -5.98 -30.74
C PRO C 49 -33.12 -4.70 -30.04
N VAL C 50 -32.68 -4.47 -28.79
CA VAL C 50 -33.09 -3.25 -28.11
C VAL C 50 -32.50 -2.00 -28.77
N LEU C 51 -31.45 -2.17 -29.57
CA LEU C 51 -30.82 -1.03 -30.23
C LEU C 51 -31.47 -0.69 -31.56
N ARG C 52 -32.40 -1.51 -32.05
CA ARG C 52 -33.04 -1.23 -33.33
C ARG C 52 -33.87 0.05 -33.29
N GLN C 53 -34.21 0.56 -32.10
CA GLN C 53 -34.92 1.82 -31.99
C GLN C 53 -34.08 3.01 -32.48
N PHE C 54 -32.77 2.85 -32.56
CA PHE C 54 -31.88 3.95 -32.93
C PHE C 54 -31.68 3.98 -34.44
N ARG C 55 -31.15 5.10 -34.91
CA ARG C 55 -30.80 5.27 -36.31
C ARG C 55 -29.34 5.70 -36.42
N PHE C 56 -28.63 5.10 -37.37
CA PHE C 56 -27.23 5.42 -37.65
C PHE C 56 -27.08 5.53 -39.16
N ASP C 57 -26.65 6.70 -39.64
CA ASP C 57 -26.51 6.90 -41.06
C ASP C 57 -25.37 6.04 -41.59
N PRO C 58 -25.65 5.03 -42.43
CA PRO C 58 -24.56 4.20 -42.94
C PRO C 58 -23.56 4.99 -43.76
N GLN C 59 -23.95 6.15 -44.31
CA GLN C 59 -23.01 6.93 -45.11
C GLN C 59 -21.84 7.41 -44.26
N PHE C 60 -22.07 7.65 -42.97
CA PHE C 60 -20.94 8.01 -42.10
C PHE C 60 -19.84 6.97 -42.21
N ALA C 61 -20.22 5.69 -42.16
CA ALA C 61 -19.22 4.64 -42.25
C ALA C 61 -18.52 4.66 -43.61
N LEU C 62 -19.29 4.79 -44.69
CA LEU C 62 -18.68 4.78 -46.03
C LEU C 62 -17.69 5.92 -46.18
N THR C 63 -18.05 7.10 -45.69
CA THR C 63 -17.13 8.24 -45.79
C THR C 63 -15.90 8.02 -44.92
N ASN C 64 -16.09 7.46 -43.72
CA ASN C 64 -14.97 7.22 -42.83
C ASN C 64 -14.00 6.20 -43.44
N ILE C 65 -14.53 5.09 -43.94
CA ILE C 65 -13.66 4.06 -44.53
C ILE C 65 -12.89 4.62 -45.72
N ALA C 66 -13.49 5.56 -46.46
CA ALA C 66 -12.77 6.20 -47.55
C ALA C 66 -11.60 7.03 -47.02
N VAL C 67 -11.74 7.63 -45.83
CA VAL C 67 -10.62 8.35 -45.23
C VAL C 67 -9.53 7.38 -44.81
N LEU C 68 -9.91 6.22 -44.27
CA LEU C 68 -8.92 5.20 -43.93
C LEU C 68 -8.17 4.73 -45.17
N LYS C 69 -8.90 4.52 -46.27
CA LYS C 69 -8.25 4.08 -47.50
C LYS C 69 -7.21 5.10 -47.96
N HIS C 70 -7.54 6.40 -47.86
CA HIS C 70 -6.59 7.45 -48.23
C HIS C 70 -5.37 7.43 -47.30
N ASN C 71 -5.61 7.34 -46.00
CA ASN C 71 -4.51 7.33 -45.03
C ASN C 71 -3.63 6.10 -45.18
N LEU C 72 -4.23 4.94 -45.45
CA LEU C 72 -3.43 3.73 -45.64
C LEU C 72 -2.45 3.88 -46.81
N ASN C 73 -2.96 4.31 -47.96
CA ASN C 73 -2.08 4.48 -49.13
C ASN C 73 -0.91 5.39 -48.81
N SER C 74 -1.15 6.45 -48.04
CA SER C 74 -0.06 7.34 -47.65
C SER C 74 0.93 6.63 -46.75
N LEU C 75 0.45 5.88 -45.76
CA LEU C 75 1.35 5.24 -44.82
C LEU C 75 2.08 4.03 -45.41
N ILE C 76 1.52 3.40 -46.44
CA ILE C 76 2.24 2.34 -47.15
C ILE C 76 3.51 2.90 -47.76
N LYS C 77 3.41 4.08 -48.38
CA LYS C 77 4.58 4.72 -48.95
C LYS C 77 5.56 5.14 -47.86
N ARG C 78 5.05 5.84 -46.84
CA ARG C 78 5.92 6.41 -45.83
C ARG C 78 6.63 5.34 -45.01
N SER C 79 5.99 4.20 -44.76
CA SER C 79 6.60 3.12 -43.99
C SER C 79 7.56 2.29 -44.81
N ASN C 80 7.82 2.68 -46.07
CA ASN C 80 8.64 1.90 -46.99
C ASN C 80 8.05 0.50 -47.20
N SER C 81 6.71 0.45 -47.30
CA SER C 81 5.98 -0.79 -47.59
C SER C 81 6.20 -1.84 -46.51
N THR C 82 6.08 -1.42 -45.26
CA THR C 82 6.14 -2.33 -44.13
C THR C 82 4.81 -3.07 -44.02
N ALA C 83 4.82 -4.36 -44.31
CA ALA C 83 3.60 -5.16 -44.33
C ALA C 83 3.25 -5.66 -42.92
N ALA C 84 2.02 -6.13 -42.79
CA ALA C 84 1.60 -6.76 -41.55
C ALA C 84 2.33 -8.07 -41.33
N THR C 85 2.56 -8.40 -40.06
CA THR C 85 3.15 -9.67 -39.66
C THR C 85 2.03 -10.65 -39.29
N ASN C 86 2.07 -11.85 -39.86
CA ASN C 86 1.07 -12.87 -39.55
C ASN C 86 1.29 -13.43 -38.16
N GLU C 87 0.23 -13.45 -37.34
CA GLU C 87 0.30 -14.08 -36.03
C GLU C 87 -0.36 -15.45 -36.09
N VAL C 88 -0.08 -16.26 -35.07
CA VAL C 88 -0.68 -17.59 -34.95
C VAL C 88 -1.99 -17.44 -34.16
N PRO C 89 -3.14 -17.68 -34.76
CA PRO C 89 -4.39 -17.55 -34.01
C PRO C 89 -4.54 -18.70 -33.02
N GLU C 90 -5.33 -18.45 -31.97
CA GLU C 90 -5.66 -19.44 -30.95
C GLU C 90 -7.14 -19.80 -31.08
N VAL C 91 -7.44 -21.10 -31.13
CA VAL C 91 -8.78 -21.58 -31.45
C VAL C 91 -9.33 -22.42 -30.31
N THR C 92 -10.58 -22.13 -29.92
CA THR C 92 -11.26 -22.85 -28.86
C THR C 92 -12.69 -23.12 -29.31
N VAL C 93 -13.18 -24.34 -29.05
CA VAL C 93 -14.54 -24.72 -29.41
C VAL C 93 -15.28 -25.14 -28.15
N PHE C 94 -16.51 -24.65 -27.99
CA PHE C 94 -17.30 -24.97 -26.80
C PHE C 94 -18.77 -24.84 -27.15
N SER C 95 -19.63 -25.34 -26.29
CA SER C 95 -21.07 -25.26 -26.54
C SER C 95 -21.65 -24.09 -25.78
N LYS C 96 -22.72 -23.52 -26.32
CA LYS C 96 -23.37 -22.40 -25.65
C LYS C 96 -23.97 -22.83 -24.32
N SER C 97 -24.60 -24.00 -24.28
CA SER C 97 -25.24 -24.48 -23.06
C SER C 97 -24.75 -25.90 -22.80
N PRO C 98 -24.96 -26.42 -21.59
CA PRO C 98 -24.57 -27.80 -21.33
C PRO C 98 -25.19 -28.74 -22.36
N VAL C 99 -24.46 -29.78 -22.70
CA VAL C 99 -24.90 -30.69 -23.75
C VAL C 99 -25.92 -31.67 -23.17
N THR C 100 -27.11 -31.69 -23.74
CA THR C 100 -28.09 -32.76 -23.48
C THR C 100 -28.42 -33.38 -24.82
N LEU C 101 -28.12 -34.68 -24.97
CA LEU C 101 -28.33 -35.31 -26.26
C LEU C 101 -29.81 -35.22 -26.68
N GLY C 102 -30.05 -34.85 -27.92
CA GLY C 102 -31.39 -34.70 -28.43
C GLY C 102 -32.04 -33.36 -28.16
N GLN C 103 -31.36 -32.44 -27.47
CA GLN C 103 -31.88 -31.09 -27.30
C GLN C 103 -31.02 -30.09 -28.07
N PRO C 104 -31.65 -29.16 -28.80
CA PRO C 104 -30.88 -28.22 -29.63
C PRO C 104 -29.85 -27.43 -28.83
N ASN C 105 -28.73 -27.13 -29.49
CA ASN C 105 -27.61 -26.44 -28.86
C ASN C 105 -26.92 -25.62 -29.95
N ILE C 106 -25.81 -24.99 -29.57
CA ILE C 106 -25.02 -24.21 -30.53
C ILE C 106 -23.55 -24.42 -30.18
N LEU C 107 -22.74 -24.84 -31.17
CA LEU C 107 -21.30 -24.90 -30.99
C LEU C 107 -20.69 -23.54 -31.30
N ILE C 108 -19.73 -23.15 -30.49
CA ILE C 108 -19.09 -21.85 -30.60
C ILE C 108 -17.61 -22.06 -30.84
N CYS C 109 -17.08 -21.44 -31.89
CA CYS C 109 -15.67 -21.53 -32.22
C CYS C 109 -15.06 -20.14 -32.11
N LEU C 110 -14.28 -19.90 -31.06
CA LEU C 110 -13.60 -18.62 -30.85
C LEU C 110 -12.25 -18.66 -31.54
N VAL C 111 -12.00 -17.72 -32.44
CA VAL C 111 -10.70 -17.58 -33.08
C VAL C 111 -10.09 -16.28 -32.58
N ASP C 112 -9.05 -16.40 -31.76
CA ASP C 112 -8.46 -15.28 -31.04
C ASP C 112 -7.06 -15.01 -31.60
N ASN C 113 -6.51 -13.85 -31.25
CA ASN C 113 -5.17 -13.42 -31.69
C ASN C 113 -5.06 -13.46 -33.21
N ILE C 114 -6.07 -12.89 -33.89
CA ILE C 114 -6.08 -12.84 -35.35
C ILE C 114 -5.36 -11.59 -35.85
N PHE C 115 -4.33 -11.78 -36.65
CA PHE C 115 -3.81 -10.67 -37.45
C PHE C 115 -2.98 -11.21 -38.59
N PRO C 116 -3.14 -10.69 -39.82
CA PRO C 116 -4.11 -9.65 -40.21
C PRO C 116 -5.54 -10.19 -40.17
N PRO C 117 -6.56 -9.30 -40.21
CA PRO C 117 -7.97 -9.79 -40.15
C PRO C 117 -8.46 -10.38 -41.46
N VAL C 118 -7.88 -11.52 -41.82
CA VAL C 118 -8.31 -12.33 -42.96
C VAL C 118 -8.31 -13.77 -42.49
N VAL C 119 -9.47 -14.42 -42.52
CA VAL C 119 -9.57 -15.77 -41.96
C VAL C 119 -10.75 -16.47 -42.62
N ASN C 120 -10.64 -17.80 -42.73
CA ASN C 120 -11.74 -18.66 -43.14
C ASN C 120 -12.05 -19.58 -41.97
N ILE C 121 -13.25 -19.46 -41.42
CA ILE C 121 -13.70 -20.35 -40.35
C ILE C 121 -14.85 -21.17 -40.90
N THR C 122 -14.67 -22.49 -40.93
CA THR C 122 -15.71 -23.40 -41.38
C THR C 122 -15.89 -24.53 -40.38
N TRP C 123 -16.91 -25.34 -40.60
CA TRP C 123 -17.24 -26.44 -39.70
C TRP C 123 -17.30 -27.78 -40.43
N LEU C 124 -16.94 -28.83 -39.70
CA LEU C 124 -16.99 -30.20 -40.21
C LEU C 124 -17.76 -31.07 -39.23
N SER C 125 -18.48 -32.07 -39.77
CA SER C 125 -19.23 -33.03 -38.96
C SER C 125 -18.89 -34.43 -39.44
N ASN C 126 -18.34 -35.25 -38.53
CA ASN C 126 -17.86 -36.58 -38.88
C ASN C 126 -16.93 -36.53 -40.08
N GLY C 127 -16.14 -35.45 -40.18
CA GLY C 127 -15.19 -35.28 -41.26
C GLY C 127 -15.75 -34.65 -42.53
N HIS C 128 -17.01 -34.23 -42.53
CA HIS C 128 -17.66 -33.73 -43.74
C HIS C 128 -18.03 -32.26 -43.59
N SER C 129 -17.96 -31.54 -44.70
CA SER C 129 -18.23 -30.10 -44.68
C SER C 129 -19.69 -29.84 -44.33
N VAL C 130 -19.92 -28.80 -43.51
CA VAL C 130 -21.25 -28.40 -43.07
C VAL C 130 -21.42 -26.90 -43.32
N THR C 131 -22.48 -26.53 -44.02
CA THR C 131 -22.76 -25.12 -44.28
C THR C 131 -24.07 -24.64 -43.68
N GLU C 132 -25.05 -25.51 -43.48
CA GLU C 132 -26.31 -25.12 -42.88
C GLU C 132 -26.11 -24.80 -41.40
N GLY C 133 -26.79 -23.75 -40.93
CA GLY C 133 -26.73 -23.39 -39.53
C GLY C 133 -25.46 -22.73 -39.07
N VAL C 134 -24.67 -22.16 -39.98
CA VAL C 134 -23.41 -21.51 -39.66
C VAL C 134 -23.61 -20.00 -39.76
N SER C 135 -23.07 -19.26 -38.78
CA SER C 135 -23.04 -17.81 -38.82
C SER C 135 -21.82 -17.34 -38.05
N GLU C 136 -21.51 -16.03 -38.14
CA GLU C 136 -20.32 -15.56 -37.42
C GLU C 136 -20.48 -14.08 -37.07
N THR C 137 -19.71 -13.64 -36.08
CA THR C 137 -19.64 -12.22 -35.73
C THR C 137 -18.72 -11.48 -36.72
N SER C 138 -18.67 -10.16 -36.59
CA SER C 138 -17.65 -9.39 -37.29
C SER C 138 -16.30 -9.65 -36.64
N PHE C 139 -15.25 -9.03 -37.17
CA PHE C 139 -14.00 -8.99 -36.43
C PHE C 139 -14.18 -8.05 -35.24
N LEU C 140 -13.95 -8.57 -34.02
CA LEU C 140 -14.09 -7.81 -32.79
C LEU C 140 -12.71 -7.34 -32.35
N SER C 141 -12.63 -6.11 -31.83
CA SER C 141 -11.31 -5.51 -31.61
C SER C 141 -10.66 -6.02 -30.34
N LYS C 142 -9.34 -5.88 -30.28
CA LYS C 142 -8.54 -6.18 -29.10
C LYS C 142 -7.61 -5.01 -28.83
N SER C 143 -7.21 -4.84 -27.56
CA SER C 143 -6.41 -3.67 -27.22
C SER C 143 -5.00 -3.75 -27.78
N ASP C 144 -4.49 -4.94 -28.09
CA ASP C 144 -3.20 -5.06 -28.75
C ASP C 144 -3.31 -4.95 -30.27
N HIS C 145 -4.49 -4.58 -30.75
CA HIS C 145 -4.83 -4.26 -32.13
C HIS C 145 -4.85 -5.48 -33.04
N SER C 146 -4.81 -6.69 -32.49
CA SER C 146 -5.24 -7.87 -33.22
C SER C 146 -6.76 -7.94 -33.10
N PHE C 147 -7.37 -9.01 -33.61
CA PHE C 147 -8.82 -9.18 -33.59
C PHE C 147 -9.16 -10.58 -33.10
N PHE C 148 -10.44 -10.77 -32.74
CA PHE C 148 -11.00 -12.10 -32.63
C PHE C 148 -12.33 -12.14 -33.38
N LYS C 149 -12.79 -13.36 -33.63
CA LYS C 149 -13.99 -13.60 -34.42
C LYS C 149 -14.57 -14.92 -33.93
N ILE C 150 -15.89 -15.00 -33.87
CA ILE C 150 -16.57 -16.15 -33.29
C ILE C 150 -17.52 -16.71 -34.34
N SER C 151 -17.43 -18.01 -34.60
CA SER C 151 -18.34 -18.69 -35.49
C SER C 151 -19.29 -19.58 -34.69
N TYR C 152 -20.49 -19.79 -35.22
CA TYR C 152 -21.53 -20.56 -34.56
C TYR C 152 -22.05 -21.66 -35.47
N LEU C 153 -22.40 -22.80 -34.87
CA LEU C 153 -23.01 -23.89 -35.63
C LEU C 153 -24.17 -24.42 -34.81
N THR C 154 -25.39 -24.28 -35.32
CA THR C 154 -26.53 -24.88 -34.65
C THR C 154 -26.51 -26.38 -34.84
N LEU C 155 -26.92 -27.12 -33.81
CA LEU C 155 -26.87 -28.57 -33.95
C LEU C 155 -27.76 -29.25 -32.92
N LEU C 156 -28.06 -30.51 -33.20
CA LEU C 156 -28.74 -31.39 -32.28
C LEU C 156 -27.74 -32.43 -31.80
N PRO C 157 -27.21 -32.31 -30.59
CA PRO C 157 -26.19 -33.26 -30.13
C PRO C 157 -26.67 -34.69 -30.16
N SER C 158 -25.77 -35.57 -30.60
CA SER C 158 -26.07 -36.97 -30.83
C SER C 158 -24.82 -37.78 -30.60
N ALA C 159 -25.01 -39.01 -30.11
CA ALA C 159 -23.89 -39.84 -29.70
C ALA C 159 -22.94 -40.13 -30.86
N GLU C 160 -23.46 -40.25 -32.07
CA GLU C 160 -22.65 -40.69 -33.21
C GLU C 160 -22.00 -39.54 -33.99
N GLU C 161 -22.24 -38.29 -33.63
CA GLU C 161 -21.84 -37.16 -34.46
C GLU C 161 -20.90 -36.25 -33.69
N SER C 162 -19.69 -36.06 -34.24
CA SER C 162 -18.68 -35.15 -33.71
C SER C 162 -18.35 -34.09 -34.75
N TYR C 163 -17.62 -33.06 -34.33
CA TYR C 163 -17.45 -31.87 -35.14
C TYR C 163 -16.03 -31.34 -35.04
N ASP C 164 -15.65 -30.56 -36.06
CA ASP C 164 -14.41 -29.79 -36.07
C ASP C 164 -14.71 -28.37 -36.52
N CYS C 165 -14.10 -27.42 -35.84
CA CYS C 165 -13.98 -26.07 -36.36
C CYS C 165 -12.67 -26.01 -37.14
N LYS C 166 -12.77 -25.59 -38.40
CA LYS C 166 -11.62 -25.52 -39.31
C LYS C 166 -11.25 -24.07 -39.51
N VAL C 167 -9.98 -23.73 -39.31
CA VAL C 167 -9.52 -22.34 -39.39
C VAL C 167 -8.35 -22.26 -40.36
N GLU C 168 -8.50 -21.45 -41.40
CA GLU C 168 -7.43 -21.17 -42.35
C GLU C 168 -6.92 -19.76 -42.10
N HIS C 169 -5.61 -19.62 -41.94
CA HIS C 169 -5.01 -18.32 -41.71
C HIS C 169 -3.55 -18.38 -42.13
N TRP C 170 -3.05 -17.26 -42.66
CA TRP C 170 -1.69 -17.24 -43.17
C TRP C 170 -0.67 -17.50 -42.07
N GLY C 171 -1.03 -17.31 -40.82
CA GLY C 171 -0.17 -17.67 -39.72
C GLY C 171 -0.09 -19.15 -39.44
N LEU C 172 -0.82 -19.99 -40.19
CA LEU C 172 -0.83 -21.43 -40.01
C LEU C 172 -0.27 -22.10 -41.26
N ASP C 173 0.67 -23.03 -41.08
CA ASP C 173 1.17 -23.80 -42.21
C ASP C 173 0.07 -24.59 -42.88
N LYS C 174 -0.84 -25.15 -42.09
CA LYS C 174 -1.93 -25.95 -42.59
C LYS C 174 -3.18 -25.59 -41.80
N PRO C 175 -4.37 -25.82 -42.36
CA PRO C 175 -5.60 -25.51 -41.63
C PRO C 175 -5.59 -26.13 -40.23
N LEU C 176 -6.09 -25.38 -39.27
CA LEU C 176 -6.16 -25.83 -37.88
C LEU C 176 -7.55 -26.38 -37.63
N LEU C 177 -7.62 -27.60 -37.11
CA LEU C 177 -8.89 -28.24 -36.75
C LEU C 177 -8.96 -28.39 -35.24
N LYS C 178 -10.01 -27.86 -34.63
CA LYS C 178 -10.28 -28.07 -33.21
C LYS C 178 -11.51 -28.96 -33.08
N HIS C 179 -11.33 -30.12 -32.47
CA HIS C 179 -12.36 -31.13 -32.40
C HIS C 179 -13.30 -30.87 -31.22
N TRP C 180 -14.56 -31.26 -31.39
CA TRP C 180 -15.53 -31.17 -30.32
C TRP C 180 -16.33 -32.47 -30.30
N GLU C 181 -16.45 -33.07 -29.12
CA GLU C 181 -17.16 -34.31 -28.92
C GLU C 181 -18.36 -34.09 -28.02
N PRO C 182 -19.49 -34.73 -28.31
CA PRO C 182 -20.65 -34.60 -27.41
C PRO C 182 -20.54 -35.46 -26.17
N GLU C 183 -19.73 -36.53 -26.21
CA GLU C 183 -19.56 -37.49 -25.12
C GLU C 183 -20.91 -38.05 -24.62
N SER D 9 2.01 -16.72 -50.33
CA SER D 9 1.81 -15.95 -49.10
C SER D 9 1.51 -14.48 -49.39
N PRO D 10 0.23 -14.13 -49.41
CA PRO D 10 -0.16 -12.77 -49.78
C PRO D 10 0.26 -11.74 -48.74
N GLU D 11 0.67 -10.57 -49.21
CA GLU D 11 0.99 -9.46 -48.33
C GLU D 11 -0.26 -8.63 -48.04
N ASP D 12 -0.22 -7.92 -46.93
CA ASP D 12 -1.39 -7.16 -46.47
C ASP D 12 -0.91 -5.93 -45.72
N PHE D 13 -1.56 -4.80 -45.98
CA PHE D 13 -1.35 -3.56 -45.24
C PHE D 13 -2.66 -3.15 -44.61
N VAL D 14 -2.63 -2.86 -43.31
CA VAL D 14 -3.86 -2.69 -42.53
C VAL D 14 -3.86 -1.33 -41.82
N TYR D 15 -5.02 -0.69 -41.79
CA TYR D 15 -5.22 0.55 -41.08
C TYR D 15 -6.47 0.45 -40.22
N GLN D 16 -6.37 0.90 -38.97
CA GLN D 16 -7.48 0.91 -38.04
C GLN D 16 -7.62 2.29 -37.46
N PHE D 17 -8.85 2.70 -37.20
CA PHE D 17 -9.16 3.90 -36.44
C PHE D 17 -10.17 3.52 -35.38
N LYS D 18 -9.86 3.84 -34.12
CA LYS D 18 -10.69 3.44 -32.99
C LYS D 18 -11.10 4.70 -32.23
N GLY D 19 -12.39 5.01 -32.25
CA GLY D 19 -12.87 6.17 -31.51
C GLY D 19 -13.42 5.76 -30.16
N MET D 20 -12.59 5.75 -29.13
CA MET D 20 -12.92 5.03 -27.91
C MET D 20 -13.29 5.98 -26.77
N CYS D 21 -14.19 5.48 -25.91
CA CYS D 21 -14.66 6.15 -24.72
C CYS D 21 -14.50 5.24 -23.51
N TYR D 22 -14.02 5.82 -22.40
CA TYR D 22 -13.81 5.10 -21.15
C TYR D 22 -14.64 5.80 -20.08
N PHE D 23 -15.51 5.04 -19.41
CA PHE D 23 -16.45 5.55 -18.43
C PHE D 23 -16.18 4.92 -17.07
N THR D 24 -16.18 5.74 -16.03
CA THR D 24 -16.05 5.28 -14.65
C THR D 24 -16.97 6.08 -13.76
N ASN D 25 -17.71 5.38 -12.89
CA ASN D 25 -18.65 5.99 -11.96
C ASN D 25 -19.69 6.84 -12.71
N GLY D 26 -20.46 6.16 -13.54
CA GLY D 26 -21.42 6.86 -14.40
C GLY D 26 -20.68 7.70 -15.41
N THR D 27 -21.07 8.98 -15.52
CA THR D 27 -20.38 9.95 -16.35
C THR D 27 -19.56 10.94 -15.54
N GLU D 28 -19.29 10.62 -14.27
CA GLU D 28 -18.45 11.50 -13.47
C GLU D 28 -17.03 11.56 -14.04
N ARG D 29 -16.48 10.40 -14.39
CA ARG D 29 -15.15 10.32 -15.00
C ARG D 29 -15.31 9.73 -16.41
N VAL D 30 -15.04 10.54 -17.43
CA VAL D 30 -15.14 10.11 -18.82
C VAL D 30 -13.88 10.54 -19.55
N ARG D 31 -13.32 9.64 -20.36
CA ARG D 31 -12.06 9.91 -21.05
C ARG D 31 -12.19 9.42 -22.49
N LEU D 32 -11.81 10.27 -23.44
CA LEU D 32 -11.87 9.94 -24.87
C LEU D 32 -10.46 9.64 -25.37
N VAL D 33 -10.30 8.54 -26.12
CA VAL D 33 -9.03 8.24 -26.76
C VAL D 33 -9.32 7.75 -28.17
N SER D 34 -8.96 8.55 -29.18
CA SER D 34 -9.06 8.11 -30.56
C SER D 34 -7.68 7.70 -31.06
N ARG D 35 -7.60 6.53 -31.68
CA ARG D 35 -6.34 5.88 -32.02
C ARG D 35 -6.30 5.59 -33.51
N SER D 36 -5.26 6.08 -34.17
CA SER D 36 -4.99 5.74 -35.56
C SER D 36 -3.85 4.74 -35.59
N ILE D 37 -4.06 3.60 -36.26
CA ILE D 37 -3.19 2.44 -36.15
C ILE D 37 -2.76 1.99 -37.53
N TYR D 38 -1.45 1.81 -37.73
CA TYR D 38 -0.92 1.25 -38.96
C TYR D 38 -0.46 -0.18 -38.67
N ASN D 39 -1.09 -1.14 -39.35
CA ASN D 39 -0.96 -2.55 -39.01
C ASN D 39 -1.35 -2.78 -37.56
N ARG D 40 -0.38 -3.06 -36.68
CA ARG D 40 -0.70 -3.23 -35.28
C ARG D 40 -0.02 -2.20 -34.40
N GLU D 41 0.48 -1.13 -35.02
CA GLU D 41 1.21 -0.07 -34.33
C GLU D 41 0.32 1.16 -34.31
N GLU D 42 -0.11 1.57 -33.13
CA GLU D 42 -0.75 2.87 -32.99
C GLU D 42 0.28 3.94 -33.27
N ILE D 43 -0.02 4.81 -34.23
CA ILE D 43 0.94 5.82 -34.66
C ILE D 43 0.60 7.22 -34.16
N VAL D 44 -0.68 7.53 -33.95
CA VAL D 44 -1.08 8.85 -33.46
C VAL D 44 -2.36 8.71 -32.67
N ARG D 45 -2.51 9.58 -31.68
CA ARG D 45 -3.57 9.46 -30.70
C ARG D 45 -4.09 10.83 -30.32
N PHE D 46 -5.40 10.92 -30.07
CA PHE D 46 -5.99 12.04 -29.36
C PHE D 46 -6.53 11.50 -28.04
N ASP D 47 -5.90 11.90 -26.95
CA ASP D 47 -6.28 11.54 -25.59
C ASP D 47 -6.84 12.80 -24.94
N SER D 48 -8.12 12.77 -24.57
CA SER D 48 -8.76 13.95 -24.01
C SER D 48 -8.11 14.40 -22.71
N ASP D 49 -7.43 13.50 -22.00
CA ASP D 49 -6.65 13.91 -20.84
C ASP D 49 -5.46 14.75 -21.24
N VAL D 50 -5.03 14.67 -22.50
CA VAL D 50 -3.89 15.46 -23.00
C VAL D 50 -4.36 16.71 -23.72
N GLY D 51 -5.44 16.63 -24.51
CA GLY D 51 -6.00 17.82 -25.12
C GLY D 51 -5.42 18.22 -26.46
N GLU D 52 -4.42 17.51 -26.95
CA GLU D 52 -3.88 17.73 -28.28
C GLU D 52 -3.52 16.38 -28.88
N PHE D 53 -3.32 16.36 -30.18
CA PHE D 53 -2.84 15.13 -30.82
C PHE D 53 -1.40 14.88 -30.40
N ARG D 54 -1.06 13.62 -30.18
CA ARG D 54 0.29 13.22 -29.84
C ARG D 54 0.68 12.06 -30.74
N ALA D 55 1.88 12.13 -31.32
CA ALA D 55 2.40 10.99 -32.05
C ALA D 55 2.82 9.89 -31.06
N VAL D 56 2.42 8.66 -31.35
CA VAL D 56 2.87 7.54 -30.51
C VAL D 56 4.15 6.93 -31.04
N THR D 57 4.30 6.87 -32.36
CA THR D 57 5.53 6.47 -33.01
C THR D 57 5.91 7.54 -34.03
N LEU D 58 7.09 7.37 -34.63
CA LEU D 58 7.62 8.32 -35.60
C LEU D 58 6.71 8.48 -36.80
N LEU D 59 6.10 7.38 -37.25
CA LEU D 59 5.25 7.40 -38.44
C LEU D 59 4.03 8.30 -38.28
N GLY D 60 3.65 8.63 -37.05
CA GLY D 60 2.51 9.49 -36.83
C GLY D 60 2.84 10.95 -36.71
N LEU D 61 4.12 11.31 -36.74
CA LEU D 61 4.52 12.71 -36.57
C LEU D 61 3.90 13.66 -37.60
N PRO D 62 3.89 13.34 -38.89
CA PRO D 62 3.25 14.28 -39.84
C PRO D 62 1.78 14.51 -39.57
N ALA D 63 1.03 13.46 -39.24
CA ALA D 63 -0.39 13.61 -38.96
C ALA D 63 -0.60 14.42 -37.69
N ALA D 64 0.17 14.14 -36.63
CA ALA D 64 0.03 14.90 -35.40
C ALA D 64 0.29 16.38 -35.62
N GLU D 65 1.33 16.72 -36.38
CA GLU D 65 1.64 18.13 -36.59
C GLU D 65 0.59 18.80 -37.47
N TYR D 66 0.15 18.12 -38.52
CA TYR D 66 -0.88 18.71 -39.39
C TYR D 66 -2.19 18.88 -38.63
N TRP D 67 -2.61 17.86 -37.87
CA TRP D 67 -3.91 17.94 -37.19
C TRP D 67 -3.88 18.97 -36.06
N ASN D 68 -2.76 19.08 -35.35
CA ASN D 68 -2.67 20.07 -34.29
C ASN D 68 -2.66 21.51 -34.81
N SER D 69 -2.25 21.71 -36.07
CA SER D 69 -2.18 23.05 -36.63
C SER D 69 -3.54 23.60 -37.03
N GLN D 70 -4.56 22.75 -37.13
CA GLN D 70 -5.89 23.18 -37.57
C GLN D 70 -6.77 23.40 -36.34
N LYS D 71 -7.06 24.67 -36.05
CA LYS D 71 -7.73 25.01 -34.80
C LYS D 71 -9.18 24.54 -34.77
N ASP D 72 -9.84 24.46 -35.94
CA ASP D 72 -11.20 23.93 -35.95
C ASP D 72 -11.23 22.45 -35.60
N ILE D 73 -10.27 21.68 -36.13
CA ILE D 73 -10.21 20.26 -35.82
C ILE D 73 -9.99 20.05 -34.33
N LEU D 74 -9.07 20.82 -33.75
CA LEU D 74 -8.77 20.72 -32.33
C LEU D 74 -10.01 21.04 -31.48
N GLU D 75 -10.79 22.05 -31.91
CA GLU D 75 -12.01 22.38 -31.19
C GLU D 75 -13.01 21.23 -31.22
N ARG D 76 -13.19 20.61 -32.38
CA ARG D 76 -14.12 19.50 -32.49
C ARG D 76 -13.65 18.32 -31.66
N LYS D 77 -12.35 18.03 -31.67
CA LYS D 77 -11.86 16.90 -30.89
C LYS D 77 -12.07 17.13 -29.40
N ARG D 78 -11.80 18.35 -28.93
CA ARG D 78 -11.91 18.65 -27.50
C ARG D 78 -13.36 18.61 -27.03
N ALA D 79 -14.32 18.87 -27.92
CA ALA D 79 -15.73 18.79 -27.57
C ALA D 79 -16.30 17.39 -27.70
N ALA D 80 -15.58 16.45 -28.31
CA ALA D 80 -16.15 15.15 -28.61
C ALA D 80 -16.37 14.30 -27.35
N VAL D 81 -15.66 14.58 -26.26
CA VAL D 81 -15.90 13.86 -25.02
C VAL D 81 -17.33 14.05 -24.55
N ASP D 82 -17.90 15.23 -24.80
CA ASP D 82 -19.29 15.52 -24.48
C ASP D 82 -20.22 15.13 -25.63
N ARG D 83 -19.88 15.55 -26.85
CA ARG D 83 -20.77 15.35 -27.98
C ARG D 83 -20.89 13.88 -28.36
N VAL D 84 -19.89 13.07 -28.05
CA VAL D 84 -19.89 11.64 -28.39
C VAL D 84 -20.00 10.77 -27.14
N CYS D 85 -19.00 10.85 -26.26
CA CYS D 85 -18.94 9.86 -25.17
C CYS D 85 -20.10 10.07 -24.19
N ARG D 86 -20.20 11.25 -23.58
CA ARG D 86 -21.26 11.48 -22.61
C ARG D 86 -22.63 11.40 -23.28
N HIS D 87 -22.73 11.86 -24.53
CA HIS D 87 -23.97 11.76 -25.28
C HIS D 87 -24.42 10.31 -25.46
N ASN D 88 -23.53 9.46 -25.98
CA ASN D 88 -23.90 8.06 -26.21
C ASN D 88 -24.17 7.33 -24.91
N TYR D 89 -23.52 7.74 -23.82
CA TYR D 89 -23.72 7.06 -22.54
C TYR D 89 -25.17 7.18 -22.08
N GLN D 90 -25.80 8.34 -22.33
CA GLN D 90 -27.22 8.47 -21.98
C GLN D 90 -28.07 7.45 -22.73
N LEU D 91 -27.69 7.12 -23.96
CA LEU D 91 -28.36 6.07 -24.70
C LEU D 91 -28.06 4.69 -24.12
N GLU D 92 -26.79 4.46 -23.72
CA GLU D 92 -26.44 3.19 -23.12
C GLU D 92 -27.21 2.96 -21.82
N LEU D 93 -27.46 4.03 -21.07
CA LEU D 93 -28.12 3.90 -19.78
C LEU D 93 -29.51 3.29 -19.89
N ARG D 94 -30.21 3.53 -20.99
CA ARG D 94 -31.55 2.98 -21.15
C ARG D 94 -31.60 1.83 -22.15
N THR D 95 -30.46 1.31 -22.57
CA THR D 95 -30.43 0.15 -23.46
C THR D 95 -29.46 -0.90 -22.93
N THR D 96 -28.17 -0.80 -23.32
CA THR D 96 -27.21 -1.84 -23.00
C THR D 96 -27.02 -2.00 -21.49
N LEU D 97 -26.99 -0.88 -20.76
CA LEU D 97 -26.78 -0.91 -19.31
C LEU D 97 -28.02 -1.37 -18.56
N GLN D 98 -29.16 -1.51 -19.22
CA GLN D 98 -30.35 -2.08 -18.62
C GLN D 98 -30.55 -3.54 -19.00
N ARG D 99 -29.70 -4.09 -19.85
CA ARG D 99 -29.84 -5.49 -20.24
C ARG D 99 -29.60 -6.40 -19.05
N ARG D 100 -30.54 -7.29 -18.81
CA ARG D 100 -30.47 -8.26 -17.71
C ARG D 100 -30.87 -9.61 -18.27
N VAL D 101 -29.94 -10.55 -18.30
CA VAL D 101 -30.23 -11.93 -18.65
C VAL D 101 -29.79 -12.78 -17.47
N GLU D 102 -30.77 -13.46 -16.85
CA GLU D 102 -30.53 -14.26 -15.65
C GLU D 102 -29.84 -15.57 -16.02
N PRO D 103 -28.81 -15.96 -15.29
CA PRO D 103 -28.09 -17.19 -15.63
C PRO D 103 -28.93 -18.43 -15.44
N THR D 104 -28.68 -19.41 -16.30
CA THR D 104 -29.20 -20.76 -16.13
C THR D 104 -28.14 -21.56 -15.40
N VAL D 105 -28.52 -22.25 -14.32
CA VAL D 105 -27.54 -22.87 -13.44
C VAL D 105 -27.83 -24.36 -13.40
N THR D 106 -26.81 -25.16 -13.74
CA THR D 106 -26.97 -26.61 -13.86
C THR D 106 -25.79 -27.29 -13.19
N ILE D 107 -26.03 -28.45 -12.59
CA ILE D 107 -24.94 -29.24 -12.02
C ILE D 107 -24.95 -30.60 -12.70
N SER D 108 -23.78 -31.04 -13.16
CA SER D 108 -23.68 -32.40 -13.69
C SER D 108 -22.33 -33.00 -13.33
N PRO D 109 -22.30 -34.27 -12.94
CA PRO D 109 -21.02 -34.91 -12.61
C PRO D 109 -20.19 -35.18 -13.85
N SER D 110 -18.89 -35.26 -13.65
CA SER D 110 -17.95 -35.51 -14.75
C SER D 110 -16.89 -36.53 -14.33
N HIS D 118 -17.93 -40.29 -9.68
CA HIS D 118 -17.66 -39.03 -10.35
C HIS D 118 -17.18 -37.98 -9.35
N ASN D 119 -15.87 -37.87 -9.20
CA ASN D 119 -15.27 -37.01 -8.19
C ASN D 119 -15.27 -35.54 -8.58
N LEU D 120 -15.84 -35.17 -9.72
CA LEU D 120 -15.82 -33.77 -10.19
C LEU D 120 -17.22 -33.32 -10.56
N LEU D 121 -17.73 -32.30 -9.89
CA LEU D 121 -19.02 -31.70 -10.19
C LEU D 121 -18.80 -30.41 -10.96
N VAL D 122 -19.54 -30.23 -12.06
CA VAL D 122 -19.47 -29.03 -12.88
C VAL D 122 -20.73 -28.22 -12.66
N CYS D 123 -20.58 -27.02 -12.12
CA CYS D 123 -21.69 -26.08 -12.04
C CYS D 123 -21.60 -25.18 -13.26
N SER D 124 -22.50 -25.39 -14.22
CA SER D 124 -22.52 -24.62 -15.46
C SER D 124 -23.44 -23.42 -15.27
N VAL D 125 -22.89 -22.23 -15.45
CA VAL D 125 -23.64 -20.99 -15.26
C VAL D 125 -23.67 -20.32 -16.63
N THR D 126 -24.77 -20.44 -17.35
CA THR D 126 -24.75 -20.13 -18.77
C THR D 126 -25.75 -19.04 -19.12
N ASP D 127 -25.42 -18.29 -20.18
CA ASP D 127 -26.30 -17.32 -20.82
C ASP D 127 -26.72 -16.20 -19.85
N PHE D 128 -25.75 -15.39 -19.42
CA PHE D 128 -26.09 -14.28 -18.54
C PHE D 128 -25.45 -12.99 -19.03
N TYR D 129 -26.04 -11.86 -18.61
CA TYR D 129 -25.51 -10.54 -18.93
C TYR D 129 -26.02 -9.62 -17.83
N PRO D 130 -25.20 -8.70 -17.29
CA PRO D 130 -23.82 -8.36 -17.71
C PRO D 130 -22.78 -9.33 -17.14
N ALA D 131 -21.51 -8.92 -17.18
CA ALA D 131 -20.38 -9.81 -16.88
C ALA D 131 -20.26 -10.14 -15.37
N GLN D 132 -20.61 -9.21 -14.50
CA GLN D 132 -20.39 -9.40 -13.06
C GLN D 132 -21.13 -10.63 -12.54
N ILE D 133 -20.42 -11.54 -11.87
CA ILE D 133 -21.02 -12.76 -11.34
C ILE D 133 -20.13 -13.30 -10.23
N LYS D 134 -20.74 -14.05 -9.31
CA LYS D 134 -20.02 -14.70 -8.24
C LYS D 134 -20.64 -16.06 -7.99
N VAL D 135 -19.82 -17.12 -8.08
CA VAL D 135 -20.27 -18.50 -7.93
C VAL D 135 -19.46 -19.15 -6.82
N ARG D 136 -20.15 -19.78 -5.86
CA ARG D 136 -19.49 -20.44 -4.74
C ARG D 136 -20.04 -21.84 -4.58
N TRP D 137 -19.17 -22.77 -4.21
CA TRP D 137 -19.53 -24.15 -3.92
C TRP D 137 -19.59 -24.36 -2.42
N PHE D 138 -20.60 -25.10 -1.97
CA PHE D 138 -20.75 -25.48 -0.58
C PHE D 138 -20.87 -27.00 -0.47
N ARG D 139 -20.27 -27.57 0.55
CA ARG D 139 -20.49 -28.96 0.92
C ARG D 139 -21.19 -28.95 2.27
N ASN D 140 -22.42 -29.45 2.30
CA ASN D 140 -23.35 -29.24 3.40
C ASN D 140 -23.48 -27.73 3.55
N ASP D 141 -23.09 -27.12 4.65
CA ASP D 141 -23.14 -25.66 4.76
C ASP D 141 -21.77 -25.03 4.81
N GLN D 142 -20.71 -25.79 4.50
CA GLN D 142 -19.34 -25.29 4.56
C GLN D 142 -18.88 -24.93 3.15
N GLU D 143 -18.44 -23.70 2.96
CA GLU D 143 -17.96 -23.26 1.66
C GLU D 143 -16.66 -23.94 1.29
N GLU D 144 -16.61 -24.50 0.09
CA GLU D 144 -15.42 -25.15 -0.45
C GLU D 144 -14.66 -24.15 -1.30
N THR D 145 -13.39 -23.90 -0.98
CA THR D 145 -12.52 -23.07 -1.80
C THR D 145 -11.38 -23.87 -2.41
N ALA D 146 -10.66 -24.63 -1.61
CA ALA D 146 -9.75 -25.63 -2.17
C ALA D 146 -10.56 -26.66 -2.95
N GLY D 147 -9.92 -27.27 -3.95
CA GLY D 147 -10.66 -28.19 -4.78
C GLY D 147 -11.61 -27.57 -5.78
N VAL D 148 -11.69 -26.25 -5.84
CA VAL D 148 -12.57 -25.55 -6.79
C VAL D 148 -11.69 -24.94 -7.87
N VAL D 149 -12.07 -25.10 -9.13
CA VAL D 149 -11.38 -24.40 -10.23
C VAL D 149 -12.44 -23.96 -11.23
N SER D 150 -12.27 -22.75 -11.76
CA SER D 150 -13.27 -22.18 -12.64
C SER D 150 -12.65 -21.84 -13.99
N THR D 151 -13.45 -21.97 -15.07
CA THR D 151 -13.00 -21.40 -16.32
C THR D 151 -12.86 -19.89 -16.14
N PRO D 152 -12.13 -19.23 -17.02
CA PRO D 152 -12.29 -17.78 -17.12
C PRO D 152 -13.72 -17.44 -17.52
N LEU D 153 -14.08 -16.18 -17.35
CA LEU D 153 -15.36 -15.75 -17.91
C LEU D 153 -15.32 -15.91 -19.43
N ILE D 154 -16.33 -16.57 -19.99
CA ILE D 154 -16.39 -16.91 -21.41
C ILE D 154 -17.36 -15.96 -22.11
N ARG D 155 -16.89 -15.25 -23.13
CA ARG D 155 -17.74 -14.36 -23.92
C ARG D 155 -18.31 -15.14 -25.10
N ASN D 156 -19.65 -15.27 -25.17
CA ASN D 156 -20.22 -16.07 -26.25
C ASN D 156 -20.32 -15.31 -27.57
N GLY D 157 -20.17 -13.98 -27.54
CA GLY D 157 -20.27 -13.13 -28.72
C GLY D 157 -21.66 -12.66 -29.06
N ASP D 158 -22.69 -13.25 -28.43
CA ASP D 158 -24.08 -12.91 -28.69
C ASP D 158 -24.70 -12.09 -27.56
N TRP D 159 -23.87 -11.34 -26.84
CA TRP D 159 -24.29 -10.54 -25.67
C TRP D 159 -24.75 -11.42 -24.51
N THR D 160 -24.15 -12.61 -24.39
CA THR D 160 -24.23 -13.41 -23.18
C THR D 160 -22.84 -13.97 -22.86
N PHE D 161 -22.67 -14.30 -21.59
CA PHE D 161 -21.49 -14.94 -21.04
C PHE D 161 -21.86 -16.30 -20.45
N GLN D 162 -20.83 -17.08 -20.12
CA GLN D 162 -20.98 -18.28 -19.32
C GLN D 162 -19.71 -18.46 -18.51
N ILE D 163 -19.82 -19.27 -17.46
CA ILE D 163 -18.66 -19.64 -16.67
C ILE D 163 -18.93 -21.02 -16.09
N LEU D 164 -17.90 -21.86 -16.01
CA LEU D 164 -18.07 -23.21 -15.46
C LEU D 164 -17.20 -23.32 -14.24
N VAL D 165 -17.80 -23.70 -13.11
CA VAL D 165 -17.13 -23.74 -11.83
C VAL D 165 -17.16 -25.17 -11.36
N MET D 166 -15.98 -25.79 -11.25
CA MET D 166 -15.85 -27.21 -10.97
C MET D 166 -15.38 -27.44 -9.54
N LEU D 167 -15.84 -28.55 -8.98
CA LEU D 167 -15.47 -28.92 -7.62
C LEU D 167 -15.03 -30.38 -7.61
N GLU D 168 -13.80 -30.61 -7.16
CA GLU D 168 -13.35 -31.97 -6.93
C GLU D 168 -13.89 -32.40 -5.56
N MET D 169 -14.57 -33.54 -5.52
CA MET D 169 -15.27 -33.95 -4.32
C MET D 169 -15.05 -35.43 -4.03
N THR D 170 -15.27 -35.78 -2.77
CA THR D 170 -15.33 -37.17 -2.34
C THR D 170 -16.69 -37.40 -1.69
N PRO D 171 -17.65 -37.96 -2.43
CA PRO D 171 -19.05 -37.95 -1.98
C PRO D 171 -19.30 -39.05 -0.96
N GLN D 172 -19.80 -38.64 0.20
CA GLN D 172 -20.27 -39.55 1.24
C GLN D 172 -21.79 -39.63 1.16
N ARG D 173 -22.35 -40.71 1.71
CA ARG D 173 -23.80 -40.81 1.74
C ARG D 173 -24.37 -39.69 2.60
N GLY D 174 -25.46 -39.08 2.13
CA GLY D 174 -26.06 -37.96 2.80
C GLY D 174 -25.46 -36.60 2.45
N ASP D 175 -24.31 -36.56 1.79
CA ASP D 175 -23.69 -35.27 1.48
C ASP D 175 -24.58 -34.46 0.54
N VAL D 176 -24.65 -33.16 0.79
CA VAL D 176 -25.42 -32.23 -0.03
C VAL D 176 -24.47 -31.16 -0.55
N TYR D 177 -24.34 -31.06 -1.86
CA TYR D 177 -23.50 -30.06 -2.50
C TYR D 177 -24.40 -29.02 -3.16
N THR D 178 -24.06 -27.75 -3.01
CA THR D 178 -24.85 -26.67 -3.56
C THR D 178 -23.95 -25.69 -4.30
N CYS D 179 -24.43 -25.24 -5.45
CA CYS D 179 -23.79 -24.20 -6.23
C CYS D 179 -24.59 -22.92 -6.00
N HIS D 180 -23.92 -21.89 -5.51
CA HIS D 180 -24.50 -20.60 -5.14
C HIS D 180 -24.06 -19.58 -6.20
N VAL D 181 -25.01 -18.93 -6.85
CA VAL D 181 -24.72 -17.99 -7.94
C VAL D 181 -25.36 -16.65 -7.63
N GLU D 182 -24.56 -15.59 -7.66
CA GLU D 182 -25.02 -14.22 -7.48
C GLU D 182 -24.75 -13.44 -8.76
N HIS D 183 -25.71 -12.60 -9.15
CA HIS D 183 -25.64 -11.89 -10.42
C HIS D 183 -26.56 -10.68 -10.33
N PRO D 184 -26.23 -9.58 -11.02
CA PRO D 184 -27.06 -8.37 -10.88
C PRO D 184 -28.51 -8.58 -11.29
N SER D 185 -28.79 -9.52 -12.18
CA SER D 185 -30.17 -9.75 -12.60
C SER D 185 -30.99 -10.50 -11.56
N LEU D 186 -30.36 -10.99 -10.51
CA LEU D 186 -31.01 -11.83 -9.51
C LEU D 186 -31.27 -11.02 -8.25
N GLN D 187 -32.55 -10.90 -7.88
CA GLN D 187 -32.89 -10.25 -6.62
C GLN D 187 -32.46 -11.09 -5.42
N SER D 188 -32.46 -12.41 -5.58
CA SER D 188 -31.92 -13.32 -4.58
C SER D 188 -31.06 -14.36 -5.28
N PRO D 189 -30.01 -14.85 -4.61
CA PRO D 189 -29.09 -15.78 -5.27
C PRO D 189 -29.78 -17.07 -5.69
N ILE D 190 -29.27 -17.69 -6.74
CA ILE D 190 -29.74 -18.99 -7.19
C ILE D 190 -28.93 -20.07 -6.48
N THR D 191 -29.62 -21.07 -5.96
CA THR D 191 -28.95 -22.22 -5.36
C THR D 191 -29.47 -23.49 -6.03
N VAL D 192 -28.55 -24.29 -6.55
CA VAL D 192 -28.87 -25.58 -7.14
C VAL D 192 -28.18 -26.65 -6.31
N GLU D 193 -28.92 -27.69 -5.93
CA GLU D 193 -28.43 -28.77 -5.09
C GLU D 193 -28.08 -30.00 -5.92
N TRP D 194 -27.05 -30.71 -5.48
CA TRP D 194 -26.72 -32.03 -6.02
C TRP D 194 -26.48 -32.97 -4.86
N ARG D 195 -27.07 -34.16 -4.95
CA ARG D 195 -26.94 -35.18 -3.91
C ARG D 195 -26.57 -36.51 -4.56
N ALA D 196 -25.73 -37.28 -3.87
CA ALA D 196 -25.30 -38.58 -4.38
C ALA D 196 -26.34 -39.65 -4.09
N GLN E 2 -29.38 10.51 -31.21
CA GLN E 2 -28.94 9.32 -31.95
C GLN E 2 -27.51 8.96 -31.56
N PRO E 3 -27.10 7.72 -31.79
CA PRO E 3 -25.73 7.33 -31.48
C PRO E 3 -24.74 8.14 -32.32
N MET E 4 -23.77 8.79 -31.64
CA MET E 4 -22.83 9.67 -32.32
C MET E 4 -21.51 8.96 -32.57
N PRO E 5 -20.96 9.00 -33.81
CA PRO E 5 -19.64 8.38 -34.07
C PRO E 5 -18.51 9.39 -34.17
N MET E 6 -17.26 8.92 -34.12
CA MET E 6 -16.12 9.84 -34.29
C MET E 6 -15.54 9.70 -35.69
N PRO E 7 -15.33 10.78 -36.43
CA PRO E 7 -14.68 10.65 -37.74
C PRO E 7 -13.18 10.47 -37.65
N GLU E 8 -12.62 9.77 -38.62
CA GLU E 8 -11.19 9.78 -38.85
C GLU E 8 -10.83 10.95 -39.77
N LEU E 9 -9.62 11.50 -39.58
CA LEU E 9 -9.19 12.70 -40.28
C LEU E 9 -8.22 12.35 -41.40
N PRO E 10 -8.20 13.13 -42.49
CA PRO E 10 -7.32 12.80 -43.61
C PRO E 10 -5.85 13.00 -43.26
N TYR E 11 -5.02 12.01 -43.59
CA TYR E 11 -3.58 12.13 -43.44
C TYR E 11 -3.05 13.21 -44.39
N PRO E 12 -2.04 13.99 -43.96
CA PRO E 12 -1.49 15.02 -44.86
C PRO E 12 -0.80 14.45 -46.09
N GLN F 2 1.44 28.16 25.12
CA GLN F 2 1.91 26.99 24.38
C GLN F 2 3.31 26.66 24.91
N PRO F 3 3.77 25.43 24.72
CA PRO F 3 5.13 25.06 25.17
C PRO F 3 6.18 25.87 24.42
N MET F 4 7.09 26.49 25.18
CA MET F 4 8.08 27.38 24.55
C MET F 4 9.40 26.66 24.35
N PRO F 5 9.98 26.74 23.13
CA PRO F 5 11.30 26.13 22.88
C PRO F 5 12.43 27.17 22.86
N MET F 6 13.69 26.72 22.93
CA MET F 6 14.82 27.64 22.82
C MET F 6 15.47 27.53 21.46
N PRO F 7 15.72 28.64 20.78
CA PRO F 7 16.42 28.57 19.49
C PRO F 7 17.92 28.41 19.65
N GLU F 8 18.54 27.72 18.70
CA GLU F 8 19.99 27.73 18.56
C GLU F 8 20.36 28.92 17.68
N LEU F 9 21.53 29.49 17.91
CA LEU F 9 21.94 30.69 17.20
C LEU F 9 22.99 30.38 16.14
N PRO F 10 23.03 31.12 15.02
CA PRO F 10 23.99 30.81 13.96
C PRO F 10 25.42 31.12 14.36
N TYR F 11 26.32 30.17 14.10
CA TYR F 11 27.74 30.36 14.33
C TYR F 11 28.29 31.43 13.39
N PRO F 12 29.24 32.25 13.85
CA PRO F 12 29.84 33.25 12.95
C PRO F 12 30.63 32.62 11.81
#